data_3K3S
#
_entry.id   3K3S
#
_cell.length_a   113.968
_cell.length_b   40.218
_cell.length_c   121.001
_cell.angle_alpha   90.00
_cell.angle_beta   104.33
_cell.angle_gamma   90.00
#
_symmetry.space_group_name_H-M   'P 1 21 1'
#
loop_
_entity.id
_entity.type
_entity.pdbx_description
1 polymer 'Altronate hydrolase'
2 non-polymer 'MALONIC ACID'
3 non-polymer 'ACETATE ION'
4 non-polymer 'CHLORIDE ION'
5 water water
#
_entity_poly.entity_id   1
_entity_poly.type   'polypeptide(L)'
_entity_poly.pdbx_seq_one_letter_code
;(MSE)GSSHHHHHHSSGRENLYFQG(MSE)QYIKIHALDNVAVALADLAEGTEVSVDNQTVTLRQDVARGHKFALTDIAK
GANVIKYGLPIGYALADIAAGEHVHAHNTRTNL
;
_entity_poly.pdbx_strand_id   A,B,C,D,E,F,G,H
#
# COMPACT_ATOMS: atom_id res chain seq x y z
N GLY A 21 -47.42 -0.63 6.29
CA GLY A 21 -46.24 -1.58 6.32
C GLY A 21 -44.91 -0.87 6.47
N GLN A 23 -41.27 0.59 5.64
CA GLN A 23 -40.72 1.26 4.46
C GLN A 23 -39.49 0.53 3.86
N TYR A 24 -38.90 -0.39 4.60
CA TYR A 24 -37.67 -1.05 4.20
C TYR A 24 -37.61 -2.42 4.88
N ILE A 25 -36.73 -3.31 4.39
CA ILE A 25 -36.31 -4.48 5.15
C ILE A 25 -34.79 -4.54 5.21
N LYS A 26 -34.28 -4.76 6.44
CA LYS A 26 -32.90 -5.12 6.65
C LYS A 26 -32.89 -6.62 6.87
N ILE A 27 -32.37 -7.36 5.89
CA ILE A 27 -32.63 -8.79 5.80
C ILE A 27 -31.89 -9.57 6.89
N HIS A 28 -30.66 -9.17 7.18
CA HIS A 28 -29.79 -9.91 8.07
C HIS A 28 -29.05 -8.89 8.92
N ALA A 29 -28.79 -9.25 10.18
CA ALA A 29 -28.06 -8.40 11.12
C ALA A 29 -26.71 -7.84 10.62
N LEU A 30 -25.95 -8.59 9.82
CA LEU A 30 -24.67 -8.09 9.31
C LEU A 30 -24.80 -7.19 8.10
N ASP A 31 -25.98 -7.04 7.54
CA ASP A 31 -26.09 -6.39 6.24
C ASP A 31 -25.75 -4.90 6.34
N ASN A 32 -25.10 -4.34 5.33
CA ASN A 32 -24.86 -2.88 5.28
C ASN A 32 -25.73 -2.18 4.24
N VAL A 33 -26.73 -2.92 3.71
CA VAL A 33 -27.78 -2.35 2.88
C VAL A 33 -29.12 -2.83 3.36
N ALA A 34 -30.14 -2.02 3.12
CA ALA A 34 -31.53 -2.42 3.30
C ALA A 34 -32.24 -2.26 1.95
N VAL A 35 -33.32 -3.01 1.79
CA VAL A 35 -34.16 -2.93 0.58
C VAL A 35 -35.41 -2.06 0.84
N ALA A 36 -35.64 -1.06 0.00
CA ALA A 36 -36.86 -0.23 0.08
C ALA A 36 -38.07 -1.07 -0.31
N LEU A 37 -39.16 -0.92 0.45
CA LEU A 37 -40.38 -1.65 0.18
C LEU A 37 -41.40 -0.76 -0.44
N ALA A 38 -41.08 0.53 -0.59
CA ALA A 38 -41.92 1.47 -1.31
C ALA A 38 -40.98 2.42 -2.03
N ASP A 39 -41.47 3.26 -2.94
CA ASP A 39 -40.62 4.27 -3.56
C ASP A 39 -40.33 5.35 -2.53
N LEU A 40 -39.07 5.47 -2.12
CA LEU A 40 -38.74 6.36 -1.04
C LEU A 40 -38.00 7.57 -1.58
N ALA A 41 -38.40 8.76 -1.15
CA ALA A 41 -37.91 10.02 -1.67
C ALA A 41 -36.58 10.41 -1.00
N GLU A 42 -35.73 11.08 -1.75
CA GLU A 42 -34.56 11.75 -1.19
C GLU A 42 -34.94 12.56 0.05
N GLY A 43 -34.16 12.44 1.09
CA GLY A 43 -34.39 13.21 2.32
C GLY A 43 -35.24 12.47 3.35
N THR A 44 -35.85 11.37 2.96
CA THR A 44 -36.59 10.53 3.90
C THR A 44 -35.66 10.01 4.98
N GLU A 45 -36.11 10.04 6.22
CA GLU A 45 -35.42 9.45 7.34
C GLU A 45 -36.02 8.11 7.68
N VAL A 46 -35.19 7.10 7.81
CA VAL A 46 -35.63 5.76 8.17
C VAL A 46 -35.01 5.31 9.49
N SER A 47 -35.80 4.70 10.37
CA SER A 47 -35.29 4.11 11.62
C SER A 47 -34.92 2.64 11.42
N VAL A 48 -33.64 2.32 11.53
CA VAL A 48 -33.16 0.95 11.32
C VAL A 48 -32.13 0.56 12.38
N ASP A 49 -32.44 -0.51 13.09
CA ASP A 49 -31.56 -1.03 14.10
C ASP A 49 -31.15 0.04 15.13
N ASN A 50 -32.15 0.75 15.65
CA ASN A 50 -31.97 1.74 16.74
C ASN A 50 -31.10 2.95 16.33
N GLN A 51 -31.02 3.21 15.03
CA GLN A 51 -30.33 4.37 14.44
C GLN A 51 -31.20 4.97 13.34
N THR A 52 -30.84 6.15 12.86
CA THR A 52 -31.55 6.81 11.80
C THR A 52 -30.69 6.95 10.57
N VAL A 53 -31.24 6.60 9.41
CA VAL A 53 -30.57 6.80 8.11
C VAL A 53 -31.37 7.77 7.22
N THR A 54 -30.69 8.75 6.63
CA THR A 54 -31.34 9.73 5.79
C THR A 54 -30.99 9.46 4.37
N LEU A 55 -31.99 9.22 3.52
CA LEU A 55 -31.73 8.90 2.13
C LEU A 55 -31.13 10.10 1.43
N ARG A 56 -30.15 9.85 0.57
CA ARG A 56 -29.48 10.91 -0.15
C ARG A 56 -29.86 10.97 -1.61
N GLN A 57 -30.69 10.02 -2.03
CA GLN A 57 -31.29 9.98 -3.35
C GLN A 57 -32.64 9.32 -3.24
N ASP A 58 -33.48 9.48 -4.25
CA ASP A 58 -34.67 8.64 -4.36
C ASP A 58 -34.23 7.17 -4.48
N VAL A 59 -34.92 6.29 -3.77
CA VAL A 59 -34.68 4.85 -3.84
C VAL A 59 -35.98 4.11 -4.19
N ALA A 60 -36.07 3.59 -5.41
CA ALA A 60 -37.25 2.90 -5.90
C ALA A 60 -37.51 1.65 -5.08
N ARG A 61 -38.77 1.22 -5.04
CA ARG A 61 -39.12 0.02 -4.31
C ARG A 61 -38.29 -1.11 -4.89
N GLY A 62 -37.87 -1.99 -3.98
CA GLY A 62 -37.03 -3.10 -4.38
C GLY A 62 -35.55 -2.80 -4.53
N HIS A 63 -35.14 -1.55 -4.48
CA HIS A 63 -33.74 -1.23 -4.60
C HIS A 63 -33.11 -1.10 -3.24
N LYS A 64 -31.80 -1.25 -3.23
CA LYS A 64 -30.96 -1.15 -2.03
C LYS A 64 -30.57 0.28 -1.72
N PHE A 65 -30.41 0.54 -0.43
CA PHE A 65 -29.72 1.72 0.05
C PHE A 65 -28.78 1.35 1.18
N ALA A 66 -27.77 2.19 1.32
CA ALA A 66 -26.66 1.97 2.22
C ALA A 66 -27.02 2.36 3.63
N LEU A 67 -26.77 1.45 4.57
CA LEU A 67 -26.97 1.71 5.99
C LEU A 67 -25.74 2.35 6.66
N THR A 68 -24.57 2.18 6.07
CA THR A 68 -23.32 2.77 6.52
C THR A 68 -22.53 3.22 5.29
N ASP A 69 -21.45 3.95 5.50
CA ASP A 69 -20.52 4.21 4.41
C ASP A 69 -19.94 2.86 3.94
N ILE A 70 -19.85 2.69 2.62
CA ILE A 70 -19.24 1.54 2.02
C ILE A 70 -18.13 2.09 1.11
N ALA A 71 -16.87 1.94 1.56
CA ALA A 71 -15.75 2.52 0.79
C ALA A 71 -15.59 1.80 -0.54
N LYS A 72 -14.98 2.48 -1.51
CA LYS A 72 -14.63 1.83 -2.76
C LYS A 72 -13.87 0.52 -2.51
N GLY A 73 -14.37 -0.54 -3.13
CA GLY A 73 -13.76 -1.86 -3.11
C GLY A 73 -14.33 -2.73 -1.98
N ALA A 74 -15.00 -2.09 -1.02
CA ALA A 74 -15.53 -2.79 0.17
C ALA A 74 -16.79 -3.58 -0.22
N ASN A 75 -17.01 -4.69 0.49
CA ASN A 75 -18.18 -5.53 0.26
C ASN A 75 -19.51 -4.84 0.58
N VAL A 76 -20.51 -5.16 -0.24
CA VAL A 76 -21.90 -4.98 0.06
C VAL A 76 -22.27 -6.29 0.73
N ILE A 77 -22.85 -6.21 1.92
CA ILE A 77 -23.28 -7.38 2.65
C ILE A 77 -24.83 -7.38 2.67
N LYS A 78 -25.40 -8.46 2.14
CA LYS A 78 -26.85 -8.62 2.03
C LYS A 78 -27.17 -10.07 2.29
N TYR A 79 -28.26 -10.34 2.98
CA TYR A 79 -28.57 -11.70 3.38
C TYR A 79 -27.51 -12.25 4.31
N GLY A 80 -26.63 -11.39 4.83
CA GLY A 80 -25.53 -11.85 5.65
C GLY A 80 -24.31 -12.32 4.84
N LEU A 81 -24.37 -12.18 3.53
CA LEU A 81 -23.35 -12.67 2.62
C LEU A 81 -22.64 -11.49 1.93
N PRO A 82 -21.36 -11.67 1.61
CA PRO A 82 -20.74 -10.66 0.73
C PRO A 82 -21.26 -10.94 -0.65
N ILE A 83 -22.01 -9.99 -1.20
CA ILE A 83 -22.66 -10.21 -2.51
C ILE A 83 -21.97 -9.43 -3.60
N GLY A 84 -21.01 -8.60 -3.21
CA GLY A 84 -20.35 -7.78 -4.20
C GLY A 84 -19.54 -6.72 -3.55
N TYR A 85 -19.22 -5.67 -4.30
CA TYR A 85 -18.34 -4.63 -3.79
C TYR A 85 -18.63 -3.28 -4.42
N ALA A 86 -18.24 -2.21 -3.74
CA ALA A 86 -18.53 -0.85 -4.19
C ALA A 86 -17.55 -0.48 -5.32
N LEU A 87 -18.04 0.19 -6.34
CA LEU A 87 -17.20 0.65 -7.44
C LEU A 87 -16.62 2.04 -7.18
N ALA A 88 -17.13 2.68 -6.15
CA ALA A 88 -16.73 4.02 -5.73
C ALA A 88 -17.17 4.15 -4.29
N ASP A 89 -16.67 5.15 -3.57
CA ASP A 89 -17.16 5.40 -2.21
C ASP A 89 -18.66 5.70 -2.22
N ILE A 90 -19.38 4.98 -1.37
CA ILE A 90 -20.82 5.14 -1.21
C ILE A 90 -21.08 5.61 0.24
N ALA A 91 -21.93 6.63 0.38
CA ALA A 91 -22.27 7.27 1.65
C ALA A 91 -23.51 6.61 2.24
N ALA A 92 -23.54 6.42 3.56
CA ALA A 92 -24.76 5.99 4.25
C ALA A 92 -25.94 6.76 3.69
N GLY A 93 -27.02 6.04 3.40
CA GLY A 93 -28.19 6.65 2.84
C GLY A 93 -28.22 6.78 1.33
N GLU A 94 -27.13 6.48 0.62
CA GLU A 94 -27.21 6.52 -0.84
C GLU A 94 -27.86 5.30 -1.46
N HIS A 95 -28.31 5.50 -2.68
CA HIS A 95 -28.87 4.45 -3.50
C HIS A 95 -27.70 3.53 -3.93
N VAL A 96 -27.86 2.21 -3.72
CA VAL A 96 -26.90 1.20 -4.07
C VAL A 96 -27.47 0.32 -5.19
N HIS A 97 -26.80 0.29 -6.33
CA HIS A 97 -27.34 -0.39 -7.49
C HIS A 97 -26.19 -0.61 -8.47
N ALA A 98 -26.51 -0.92 -9.71
CA ALA A 98 -25.53 -1.25 -10.75
C ALA A 98 -24.58 -0.11 -11.03
N HIS A 99 -25.02 1.10 -10.78
CA HIS A 99 -24.16 2.27 -11.05
C HIS A 99 -22.96 2.34 -10.12
N ASN A 100 -23.10 1.90 -8.88
CA ASN A 100 -22.00 2.07 -7.95
C ASN A 100 -21.54 0.77 -7.29
N THR A 101 -22.11 -0.36 -7.70
CA THR A 101 -21.63 -1.66 -7.21
C THR A 101 -21.58 -2.70 -8.31
N ARG A 102 -20.75 -3.70 -8.07
CA ARG A 102 -20.78 -4.89 -8.87
C ARG A 102 -21.24 -6.04 -8.00
N THR A 103 -22.18 -6.83 -8.51
CA THR A 103 -22.61 -8.07 -7.86
C THR A 103 -21.78 -9.26 -8.35
N ASN A 104 -21.31 -10.07 -7.41
CA ASN A 104 -20.42 -11.22 -7.63
C ASN A 104 -21.00 -12.62 -7.37
N LEU A 105 -22.29 -12.74 -7.16
CA LEU A 105 -22.85 -14.03 -6.71
C LEU A 105 -22.70 -15.07 -7.82
N GLY B 21 15.12 -9.59 13.12
CA GLY B 21 14.42 -9.69 11.80
C GLY B 21 13.13 -10.51 11.81
N GLN B 23 9.69 -12.35 10.68
CA GLN B 23 9.45 -13.33 9.60
C GLN B 23 8.19 -13.08 8.75
N TYR B 24 7.31 -12.21 9.25
CA TYR B 24 6.04 -11.86 8.65
C TYR B 24 5.64 -10.47 9.17
N ILE B 25 4.84 -9.74 8.40
CA ILE B 25 4.27 -8.45 8.82
C ILE B 25 2.78 -8.47 8.53
N LYS B 26 2.00 -8.15 9.56
CA LYS B 26 0.59 -7.78 9.40
C LYS B 26 0.63 -6.27 9.37
N ILE B 27 0.33 -5.69 8.23
CA ILE B 27 0.63 -4.27 8.04
C ILE B 27 -0.31 -3.33 8.83
N HIS B 28 -1.60 -3.65 8.86
CA HIS B 28 -2.60 -2.83 9.59
C HIS B 28 -3.45 -3.79 10.45
N ALA B 29 -3.94 -3.31 11.58
CA ALA B 29 -4.70 -4.16 12.52
C ALA B 29 -5.95 -4.80 11.89
N LEU B 30 -6.50 -4.15 10.86
CA LEU B 30 -7.70 -4.64 10.17
C LEU B 30 -7.43 -5.78 9.19
N ASP B 31 -6.18 -5.98 8.82
CA ASP B 31 -5.84 -6.89 7.73
C ASP B 31 -6.19 -8.33 8.03
N ASN B 32 -6.65 -9.09 7.03
CA ASN B 32 -6.86 -10.50 7.20
C ASN B 32 -5.77 -11.32 6.49
N VAL B 33 -4.70 -10.62 6.05
CA VAL B 33 -3.52 -11.27 5.46
C VAL B 33 -2.26 -10.67 6.04
N ALA B 34 -1.20 -11.47 6.05
CA ALA B 34 0.15 -11.02 6.46
C ALA B 34 1.09 -11.33 5.31
N VAL B 35 2.17 -10.55 5.22
CA VAL B 35 3.17 -10.75 4.22
C VAL B 35 4.35 -11.46 4.82
N ALA B 36 4.70 -12.60 4.23
CA ALA B 36 5.95 -13.32 4.48
C ALA B 36 7.21 -12.47 4.18
N LEU B 37 8.09 -12.35 5.16
CA LEU B 37 9.34 -11.60 5.02
C LEU B 37 10.56 -12.51 4.79
N ALA B 38 10.35 -13.83 4.86
CA ALA B 38 11.26 -14.88 4.44
C ALA B 38 10.43 -16.02 3.88
N ASP B 39 11.07 -17.01 3.27
CA ASP B 39 10.35 -18.16 2.77
C ASP B 39 9.90 -18.92 4.03
N LEU B 40 8.60 -19.22 4.12
CA LEU B 40 8.05 -19.91 5.29
C LEU B 40 7.55 -21.31 4.90
N ALA B 41 7.91 -22.29 5.70
CA ALA B 41 7.56 -23.65 5.43
C ALA B 41 6.12 -23.93 5.81
N GLU B 42 5.49 -24.83 5.08
CA GLU B 42 4.22 -25.37 5.46
C GLU B 42 4.34 -25.92 6.87
N GLY B 43 3.36 -25.63 7.72
CA GLY B 43 3.41 -26.05 9.10
C GLY B 43 3.94 -24.99 10.02
N THR B 44 4.51 -23.91 9.51
CA THR B 44 4.99 -22.85 10.40
C THR B 44 3.80 -22.26 11.23
N GLU B 45 4.03 -21.98 12.51
CA GLU B 45 3.01 -21.36 13.36
C GLU B 45 3.33 -19.90 13.64
N VAL B 46 2.44 -19.03 13.18
CA VAL B 46 2.63 -17.58 13.20
C VAL B 46 1.93 -16.96 14.41
N SER B 47 2.56 -15.96 15.01
CA SER B 47 1.93 -15.14 16.07
C SER B 47 2.00 -13.64 15.70
N VAL B 48 0.83 -13.02 15.53
CA VAL B 48 0.74 -11.60 15.13
C VAL B 48 -0.43 -10.94 15.85
N ASP B 49 -0.22 -9.69 16.29
CA ASP B 49 -1.13 -9.03 17.24
C ASP B 49 -1.19 -10.03 18.39
N ASN B 50 -2.42 -10.51 18.69
CA ASN B 50 -2.61 -11.78 19.40
C ASN B 50 -3.35 -12.76 18.46
N GLN B 51 -2.83 -12.89 17.23
CA GLN B 51 -3.39 -13.75 16.21
C GLN B 51 -2.39 -14.86 15.84
N THR B 52 -2.91 -16.07 15.63
CA THR B 52 -2.10 -17.26 15.45
C THR B 52 -2.69 -18.23 14.42
N VAL B 53 -1.88 -18.60 13.43
CA VAL B 53 -2.36 -19.46 12.35
C VAL B 53 -1.23 -20.42 11.94
N THR B 54 -1.58 -21.53 11.31
CA THR B 54 -0.63 -22.52 10.81
C THR B 54 -0.60 -22.57 9.28
N LEU B 55 0.53 -22.28 8.68
CA LEU B 55 0.61 -22.25 7.22
C LEU B 55 0.28 -23.62 6.65
N ARG B 56 -0.46 -23.64 5.56
CA ARG B 56 -0.89 -24.91 4.95
C ARG B 56 -0.13 -25.30 3.72
N GLN B 57 0.79 -24.43 3.32
CA GLN B 57 1.67 -24.65 2.18
C GLN B 57 2.92 -23.75 2.36
N ASP B 58 4.02 -24.07 1.69
CA ASP B 58 5.17 -23.16 1.73
C ASP B 58 4.74 -21.81 1.14
N VAL B 59 5.07 -20.72 1.84
CA VAL B 59 4.74 -19.40 1.35
C VAL B 59 6.06 -18.64 1.15
N ALA B 60 6.28 -18.13 -0.06
CA ALA B 60 7.52 -17.46 -0.41
C ALA B 60 7.55 -16.03 0.12
N ARG B 61 8.74 -15.51 0.35
CA ARG B 61 8.84 -14.13 0.82
C ARG B 61 8.19 -13.15 -0.17
N GLY B 62 7.51 -12.16 0.41
CA GLY B 62 6.76 -11.17 -0.32
C GLY B 62 5.35 -11.59 -0.65
N HIS B 63 5.04 -12.87 -0.48
CA HIS B 63 3.70 -13.34 -0.66
C HIS B 63 2.97 -13.29 0.67
N LYS B 64 1.67 -13.48 0.60
CA LYS B 64 0.84 -13.29 1.74
C LYS B 64 -0.04 -14.49 1.96
N PHE B 65 -0.36 -14.65 3.23
CA PHE B 65 -1.18 -15.72 3.68
C PHE B 65 -2.35 -15.21 4.53
N ALA B 66 -3.43 -15.98 4.54
CA ALA B 66 -4.65 -15.61 5.25
C ALA B 66 -4.46 -15.79 6.77
N LEU B 67 -4.88 -14.77 7.53
CA LEU B 67 -4.81 -14.79 8.97
C LEU B 67 -6.06 -15.43 9.56
N THR B 68 -7.15 -15.42 8.79
CA THR B 68 -8.45 -15.95 9.16
C THR B 68 -9.02 -16.55 7.87
N ASP B 69 -10.09 -17.35 7.96
CA ASP B 69 -10.80 -17.79 6.78
C ASP B 69 -11.38 -16.56 6.07
N ILE B 70 -11.36 -16.61 4.76
CA ILE B 70 -11.93 -15.54 3.95
C ILE B 70 -12.90 -16.24 3.00
N ALA B 71 -14.19 -16.01 3.21
CA ALA B 71 -15.25 -16.64 2.42
C ALA B 71 -15.24 -16.16 0.96
N LYS B 72 -15.73 -17.00 0.07
CA LYS B 72 -15.91 -16.61 -1.33
C LYS B 72 -16.58 -15.25 -1.37
N GLY B 73 -15.98 -14.31 -2.13
CA GLY B 73 -16.59 -13.00 -2.34
C GLY B 73 -16.20 -11.97 -1.30
N ALA B 74 -15.71 -12.44 -0.13
CA ALA B 74 -15.33 -11.54 0.94
C ALA B 74 -14.02 -10.81 0.62
N ASN B 75 -13.92 -9.58 1.11
CA ASN B 75 -12.76 -8.74 0.84
C ASN B 75 -11.50 -9.32 1.40
N VAL B 76 -10.42 -9.07 0.66
CA VAL B 76 -9.11 -9.16 1.23
C VAL B 76 -8.79 -7.77 1.75
N ILE B 77 -8.35 -7.71 3.00
CA ILE B 77 -7.99 -6.46 3.64
C ILE B 77 -6.51 -6.41 3.91
N LYS B 78 -5.87 -5.38 3.37
CA LYS B 78 -4.44 -5.19 3.48
C LYS B 78 -4.17 -3.72 3.50
N TYR B 79 -3.20 -3.30 4.30
CA TYR B 79 -2.93 -1.87 4.53
C TYR B 79 -4.11 -1.17 5.23
N GLY B 80 -5.08 -1.95 5.68
CA GLY B 80 -6.34 -1.40 6.21
C GLY B 80 -7.40 -1.18 5.15
N LEU B 81 -7.08 -1.51 3.90
CA LEU B 81 -7.96 -1.20 2.78
C LEU B 81 -8.57 -2.50 2.21
N PRO B 82 -9.75 -2.39 1.61
CA PRO B 82 -10.20 -3.54 0.82
C PRO B 82 -9.47 -3.52 -0.53
N ILE B 83 -8.63 -4.52 -0.78
CA ILE B 83 -7.84 -4.53 -2.00
C ILE B 83 -8.39 -5.48 -3.06
N GLY B 84 -9.31 -6.35 -2.66
CA GLY B 84 -9.98 -7.22 -3.60
C GLY B 84 -10.83 -8.23 -2.86
N TYR B 85 -11.12 -9.34 -3.49
CA TYR B 85 -12.00 -10.30 -2.89
C TYR B 85 -11.64 -11.72 -3.33
N ALA B 86 -12.15 -12.71 -2.58
CA ALA B 86 -11.83 -14.09 -2.73
C ALA B 86 -12.67 -14.71 -3.85
N LEU B 87 -12.04 -15.54 -4.68
CA LEU B 87 -12.69 -16.23 -5.78
C LEU B 87 -13.39 -17.48 -5.31
N ALA B 88 -13.02 -17.98 -4.14
CA ALA B 88 -13.55 -19.21 -3.56
C ALA B 88 -13.25 -19.10 -2.09
N ASP B 89 -13.85 -19.96 -1.27
CA ASP B 89 -13.50 -20.01 0.13
C ASP B 89 -11.98 -20.27 0.30
N ILE B 90 -11.34 -19.44 1.11
CA ILE B 90 -9.94 -19.55 1.48
C ILE B 90 -9.84 -19.80 2.98
N ALA B 91 -9.01 -20.77 3.35
CA ALA B 91 -8.79 -21.15 4.76
C ALA B 91 -7.64 -20.35 5.37
N ALA B 92 -7.71 -20.15 6.68
CA ALA B 92 -6.65 -19.51 7.43
C ALA B 92 -5.35 -20.27 7.12
N GLY B 93 -4.28 -19.55 6.83
CA GLY B 93 -3.01 -20.16 6.61
C GLY B 93 -2.74 -20.52 5.17
N GLU B 94 -3.69 -20.33 4.27
CA GLU B 94 -3.43 -20.54 2.82
C GLU B 94 -2.72 -19.35 2.23
N HIS B 95 -1.94 -19.60 1.19
CA HIS B 95 -1.42 -18.58 0.28
C HIS B 95 -2.54 -17.78 -0.39
N VAL B 96 -2.49 -16.45 -0.30
CA VAL B 96 -3.48 -15.60 -0.94
C VAL B 96 -2.85 -14.85 -2.13
N HIS B 97 -3.31 -15.15 -3.34
CA HIS B 97 -2.74 -14.51 -4.55
C HIS B 97 -3.73 -14.58 -5.73
N ALA B 98 -3.25 -14.49 -6.98
CA ALA B 98 -4.15 -14.43 -8.14
C ALA B 98 -4.87 -15.71 -8.43
N HIS B 99 -4.44 -16.81 -7.82
CA HIS B 99 -5.14 -18.08 -7.96
C HIS B 99 -6.46 -18.16 -7.20
N ASN B 100 -6.60 -17.39 -6.13
CA ASN B 100 -7.81 -17.46 -5.32
C ASN B 100 -8.40 -16.11 -4.89
N THR B 101 -7.90 -15.02 -5.46
CA THR B 101 -8.43 -13.69 -5.22
C THR B 101 -8.30 -12.88 -6.48
N ARG B 102 -9.12 -11.85 -6.58
CA ARG B 102 -8.98 -10.82 -7.60
C ARG B 102 -8.69 -9.50 -6.90
N THR B 103 -7.66 -8.81 -7.37
CA THR B 103 -7.32 -7.49 -6.89
C THR B 103 -8.05 -6.44 -7.70
N ASN B 104 -8.62 -5.43 -7.02
CA ASN B 104 -9.46 -4.37 -7.60
C ASN B 104 -8.95 -2.93 -7.41
N LEU B 105 -7.67 -2.74 -7.23
CA LEU B 105 -7.15 -1.40 -6.94
C LEU B 105 -6.98 -0.55 -8.22
N GLY C 21 33.08 27.98 14.60
CA GLY C 21 32.21 27.96 13.38
C GLY C 21 30.92 27.18 13.62
N GLN C 23 27.17 26.49 13.88
CA GLN C 23 26.18 26.97 12.97
C GLN C 23 24.77 26.99 13.54
N TYR C 24 24.66 26.92 14.88
CA TYR C 24 23.37 27.06 15.56
C TYR C 24 23.55 27.84 16.83
N ILE C 25 22.46 28.42 17.32
CA ILE C 25 22.39 28.89 18.72
C ILE C 25 21.19 28.27 19.44
N LYS C 26 21.43 27.73 20.61
CA LYS C 26 20.40 27.31 21.52
C LYS C 26 20.36 28.40 22.57
N ILE C 27 19.25 29.13 22.65
CA ILE C 27 19.19 30.38 23.41
C ILE C 27 19.16 30.14 24.91
N HIS C 28 18.48 29.10 25.35
CA HIS C 28 18.30 28.86 26.77
C HIS C 28 18.38 27.37 26.99
N ALA C 29 18.82 26.95 28.17
CA ALA C 29 19.07 25.51 28.44
C ALA C 29 17.86 24.58 28.30
N LEU C 30 16.66 25.12 28.49
CA LEU C 30 15.44 24.36 28.48
C LEU C 30 14.87 24.26 27.09
N ASP C 31 15.42 25.02 26.14
CA ASP C 31 14.86 25.07 24.82
C ASP C 31 14.93 23.71 24.12
N ASN C 32 13.91 23.39 23.32
CA ASN C 32 13.94 22.19 22.48
C ASN C 32 14.07 22.52 21.02
N VAL C 33 14.29 23.81 20.72
CA VAL C 33 14.64 24.26 19.38
C VAL C 33 15.90 25.12 19.41
N ALA C 34 16.64 25.08 18.31
CA ALA C 34 17.79 25.95 18.06
C ALA C 34 17.54 26.81 16.82
N VAL C 35 18.27 27.91 16.69
CA VAL C 35 18.18 28.74 15.52
C VAL C 35 19.43 28.51 14.64
N ALA C 36 19.23 28.25 13.36
CA ALA C 36 20.34 28.12 12.41
C ALA C 36 20.99 29.48 12.15
N LEU C 37 22.33 29.51 12.16
CA LEU C 37 23.09 30.73 11.99
C LEU C 37 23.52 30.92 10.54
N ALA C 38 23.23 29.92 9.71
CA ALA C 38 23.44 30.00 8.28
C ALA C 38 22.48 29.03 7.63
N ASP C 39 22.31 29.13 6.31
CA ASP C 39 21.49 28.17 5.58
C ASP C 39 22.15 26.81 5.80
N LEU C 40 21.44 25.86 6.41
CA LEU C 40 21.94 24.50 6.59
C LEU C 40 21.17 23.51 5.74
N ALA C 41 21.90 22.68 4.98
CA ALA C 41 21.24 21.73 4.08
C ALA C 41 20.83 20.50 4.85
N GLU C 42 19.76 19.89 4.40
CA GLU C 42 19.32 18.61 4.89
C GLU C 42 20.48 17.63 4.97
N GLY C 43 20.53 16.86 6.02
CA GLY C 43 21.61 15.90 6.20
C GLY C 43 22.82 16.45 6.94
N THR C 44 22.85 17.75 7.21
CA THR C 44 23.95 18.32 7.97
C THR C 44 23.89 17.73 9.36
N GLU C 45 25.03 17.25 9.85
CA GLU C 45 25.16 16.82 11.25
C GLU C 45 25.58 17.98 12.10
N VAL C 46 24.67 18.50 12.91
CA VAL C 46 25.00 19.60 13.78
C VAL C 46 25.45 19.04 15.12
N SER C 47 26.63 19.49 15.57
CA SER C 47 27.23 19.08 16.81
C SER C 47 26.67 19.98 17.88
N VAL C 48 25.73 19.45 18.66
CA VAL C 48 25.12 20.19 19.75
C VAL C 48 25.75 19.64 21.02
N ASP C 49 26.56 20.48 21.66
CA ASP C 49 27.43 20.06 22.74
C ASP C 49 28.26 18.82 22.32
N ASN C 50 28.13 17.69 22.98
CA ASN C 50 28.89 16.52 22.52
C ASN C 50 27.97 15.48 21.82
N GLN C 51 26.76 15.94 21.46
CA GLN C 51 25.79 15.16 20.69
C GLN C 51 25.79 15.64 19.25
N THR C 52 25.03 14.92 18.44
CA THR C 52 24.89 15.19 17.01
C THR C 52 23.40 15.22 16.74
N VAL C 53 22.93 16.26 16.06
CA VAL C 53 21.56 16.28 15.54
C VAL C 53 21.68 16.38 14.04
N THR C 54 21.10 15.43 13.34
CA THR C 54 21.11 15.41 11.87
C THR C 54 19.86 16.09 11.30
N LEU C 55 20.06 17.11 10.50
CA LEU C 55 18.94 17.86 9.95
C LEU C 55 18.19 17.00 8.94
N ARG C 56 16.87 17.06 8.99
CA ARG C 56 15.98 16.27 8.14
C ARG C 56 15.37 17.04 6.98
N GLN C 57 15.47 18.35 7.03
CA GLN C 57 15.11 19.21 5.91
C GLN C 57 16.13 20.34 5.89
N ASP C 58 16.16 21.10 4.80
CA ASP C 58 16.88 22.36 4.78
C ASP C 58 16.30 23.27 5.86
N VAL C 59 17.18 24.00 6.55
CA VAL C 59 16.81 24.99 7.56
C VAL C 59 17.48 26.30 7.16
N ALA C 60 16.72 27.26 6.65
CA ALA C 60 17.27 28.58 6.30
C ALA C 60 17.86 29.30 7.50
N ARG C 61 18.74 30.25 7.23
CA ARG C 61 19.33 31.04 8.29
C ARG C 61 18.28 31.76 9.12
N GLY C 62 18.35 31.66 10.44
CA GLY C 62 17.36 32.30 11.30
C GLY C 62 16.11 31.48 11.61
N HIS C 63 15.96 30.33 10.96
CA HIS C 63 14.88 29.42 11.28
C HIS C 63 15.25 28.45 12.39
N LYS C 64 14.23 27.78 12.91
CA LYS C 64 14.36 26.86 14.00
C LYS C 64 14.50 25.46 13.51
N PHE C 65 15.18 24.62 14.30
CA PHE C 65 15.08 23.17 14.15
C PHE C 65 15.04 22.50 15.50
N ALA C 66 14.44 21.29 15.55
CA ALA C 66 14.20 20.63 16.80
C ALA C 66 15.51 19.97 17.27
N LEU C 67 15.85 20.23 18.52
CA LEU C 67 17.01 19.65 19.14
C LEU C 67 16.67 18.28 19.66
N THR C 68 15.41 18.06 19.92
CA THR C 68 14.98 16.80 20.50
C THR C 68 13.62 16.54 19.89
N ASP C 69 13.07 15.33 20.12
CA ASP C 69 11.75 15.02 19.68
C ASP C 69 10.74 15.91 20.43
N ILE C 70 9.72 16.42 19.73
CA ILE C 70 8.65 17.20 20.36
C ILE C 70 7.33 16.52 19.97
N ALA C 71 6.65 15.98 20.98
CA ALA C 71 5.43 15.23 20.78
C ALA C 71 4.31 16.18 20.38
N LYS C 72 3.37 15.68 19.58
CA LYS C 72 2.15 16.42 19.25
C LYS C 72 1.56 16.99 20.51
N GLY C 73 1.19 18.27 20.46
CA GLY C 73 0.65 18.98 21.61
C GLY C 73 1.68 19.58 22.55
N ALA C 74 2.91 19.06 22.54
CA ALA C 74 3.90 19.45 23.50
C ALA C 74 4.43 20.82 23.15
N ASN C 75 4.85 21.55 24.19
CA ASN C 75 5.33 22.90 24.00
C ASN C 75 6.59 22.92 23.15
N VAL C 76 6.66 23.88 22.23
CA VAL C 76 7.94 24.44 21.75
C VAL C 76 8.49 25.40 22.82
N ILE C 77 9.70 25.14 23.27
CA ILE C 77 10.32 25.98 24.28
C ILE C 77 11.48 26.72 23.62
N LYS C 78 11.42 28.05 23.69
CA LYS C 78 12.44 28.92 23.11
C LYS C 78 12.61 30.12 24.05
N TYR C 79 13.83 30.61 24.20
CA TYR C 79 14.11 31.65 25.21
C TYR C 79 13.79 31.17 26.63
N GLY C 80 13.56 29.87 26.78
CA GLY C 80 13.13 29.32 28.06
C GLY C 80 11.62 29.39 28.32
N LEU C 81 10.90 29.96 27.37
CA LEU C 81 9.48 30.17 27.49
C LEU C 81 8.72 29.19 26.60
N PRO C 82 7.49 28.84 26.99
CA PRO C 82 6.65 28.12 26.07
C PRO C 82 6.07 29.10 25.05
N ILE C 83 6.51 28.98 23.81
CA ILE C 83 6.10 29.89 22.76
C ILE C 83 5.03 29.29 21.87
N GLY C 84 4.74 28.01 22.04
CA GLY C 84 3.73 27.38 21.26
C GLY C 84 3.71 25.89 21.52
N TYR C 85 3.14 25.18 20.56
CA TYR C 85 3.06 23.73 20.64
C TYR C 85 3.14 23.07 19.25
N ALA C 86 3.44 21.77 19.29
CA ALA C 86 3.60 20.95 18.11
C ALA C 86 2.20 20.55 17.59
N LEU C 87 1.98 20.78 16.30
CA LEU C 87 0.78 20.33 15.61
C LEU C 87 0.78 18.83 15.27
N ALA C 88 1.95 18.20 15.31
CA ALA C 88 2.10 16.77 15.03
C ALA C 88 3.38 16.39 15.73
N ASP C 89 3.66 15.08 15.87
CA ASP C 89 4.96 14.65 16.40
C ASP C 89 6.08 15.23 15.53
N ILE C 90 7.14 15.72 16.17
CA ILE C 90 8.29 16.32 15.47
C ILE C 90 9.53 15.57 15.93
N ALA C 91 10.35 15.08 15.00
CA ALA C 91 11.59 14.37 15.37
C ALA C 91 12.73 15.37 15.45
N ALA C 92 13.67 15.08 16.34
CA ALA C 92 14.94 15.79 16.38
C ALA C 92 15.47 15.98 14.99
N GLY C 93 15.86 17.20 14.68
CA GLY C 93 16.42 17.49 13.37
C GLY C 93 15.46 18.09 12.35
N GLU C 94 14.17 18.09 12.67
CA GLU C 94 13.18 18.68 11.77
C GLU C 94 13.22 20.18 11.79
N HIS C 95 12.98 20.77 10.63
CA HIS C 95 12.66 22.19 10.51
C HIS C 95 11.37 22.45 11.31
N VAL C 96 11.41 23.45 12.19
CA VAL C 96 10.25 23.81 13.02
C VAL C 96 9.76 25.16 12.53
N HIS C 97 8.53 25.20 12.04
CA HIS C 97 7.96 26.39 11.46
C HIS C 97 6.44 26.29 11.50
N ALA C 98 5.74 27.10 10.70
CA ALA C 98 4.26 27.11 10.67
C ALA C 98 3.61 25.80 10.23
N HIS C 99 4.37 24.94 9.56
CA HIS C 99 3.79 23.68 9.03
C HIS C 99 3.55 22.67 10.16
N ASN C 100 4.38 22.72 11.20
CA ASN C 100 4.29 21.74 12.28
C ASN C 100 4.17 22.32 13.67
N THR C 101 4.13 23.64 13.80
CA THR C 101 3.91 24.23 15.10
C THR C 101 3.03 25.45 15.00
N ARG C 102 2.35 25.75 16.10
N ARG C 102 2.33 25.74 16.08
CA ARG C 102 1.59 26.97 16.25
CA ARG C 102 1.61 26.99 16.24
C ARG C 102 2.28 27.83 17.29
C ARG C 102 2.33 27.83 17.28
N THR C 103 2.50 29.10 16.98
CA THR C 103 3.05 30.04 17.93
C THR C 103 1.91 30.70 18.69
N ASN C 104 2.16 30.97 19.96
CA ASN C 104 1.16 31.45 20.90
C ASN C 104 1.57 32.72 21.64
N LEU C 105 2.46 33.49 21.03
CA LEU C 105 3.29 34.56 21.63
C LEU C 105 4.69 34.05 22.15
N GLY D 21 -26.39 -19.90 11.59
CA GLY D 21 -27.59 -19.44 10.81
C GLY D 21 -28.21 -20.52 9.93
N GLN D 23 -29.68 -22.30 6.24
CA GLN D 23 -29.13 -22.61 4.93
C GLN D 23 -29.86 -21.86 3.80
N TYR D 24 -30.99 -21.24 4.15
CA TYR D 24 -31.87 -20.50 3.24
C TYR D 24 -32.62 -19.47 4.07
N ILE D 25 -33.13 -18.45 3.41
CA ILE D 25 -34.08 -17.52 3.98
C ILE D 25 -35.22 -17.26 2.98
N LYS D 26 -36.45 -17.39 3.47
CA LYS D 26 -37.61 -16.82 2.80
C LYS D 26 -37.82 -15.45 3.45
N ILE D 27 -37.64 -14.39 2.67
CA ILE D 27 -37.52 -13.05 3.23
C ILE D 27 -38.88 -12.50 3.71
N HIS D 28 -39.91 -12.70 2.90
CA HIS D 28 -41.27 -12.22 3.16
C HIS D 28 -42.26 -13.37 2.98
N ALA D 29 -43.35 -13.34 3.75
CA ALA D 29 -44.39 -14.39 3.73
C ALA D 29 -45.03 -14.59 2.37
N LEU D 30 -45.06 -13.58 1.53
CA LEU D 30 -45.66 -13.71 0.20
C LEU D 30 -44.72 -14.23 -0.88
N ASP D 31 -43.45 -14.38 -0.55
CA ASP D 31 -42.44 -14.70 -1.56
C ASP D 31 -42.62 -16.10 -2.14
N ASN D 32 -42.32 -16.25 -3.43
CA ASN D 32 -42.36 -17.57 -4.05
C ASN D 32 -40.94 -18.06 -4.39
N VAL D 33 -39.94 -17.31 -3.92
CA VAL D 33 -38.53 -17.72 -3.95
C VAL D 33 -37.91 -17.56 -2.58
N ALA D 34 -36.88 -18.37 -2.31
CA ALA D 34 -36.04 -18.21 -1.12
C ALA D 34 -34.61 -18.00 -1.60
N VAL D 35 -33.77 -17.49 -0.72
CA VAL D 35 -32.37 -17.24 -1.01
C VAL D 35 -31.47 -18.25 -0.28
N ALA D 36 -30.64 -18.95 -1.05
CA ALA D 36 -29.67 -19.89 -0.49
C ALA D 36 -28.64 -19.12 0.31
N LEU D 37 -28.31 -19.60 1.48
CA LEU D 37 -27.29 -18.93 2.27
C LEU D 37 -25.96 -19.72 2.31
N ALA D 38 -25.90 -20.82 1.59
CA ALA D 38 -24.68 -21.62 1.43
C ALA D 38 -24.84 -22.23 0.05
N ASP D 39 -23.84 -22.93 -0.45
CA ASP D 39 -23.98 -23.59 -1.76
C ASP D 39 -24.74 -24.88 -1.51
N LEU D 40 -25.95 -24.96 -2.02
CA LEU D 40 -26.82 -26.10 -1.78
C LEU D 40 -26.77 -27.06 -2.96
N ALA D 41 -26.68 -28.35 -2.66
CA ALA D 41 -26.56 -29.39 -3.66
C ALA D 41 -27.92 -29.75 -4.21
N GLU D 42 -27.97 -30.15 -5.48
CA GLU D 42 -29.16 -30.76 -6.03
C GLU D 42 -29.53 -31.89 -5.07
N GLY D 43 -30.79 -31.95 -4.66
CA GLY D 43 -31.30 -33.02 -3.81
C GLY D 43 -31.69 -32.57 -2.41
N THR D 44 -31.22 -31.41 -2.00
CA THR D 44 -31.43 -30.93 -0.65
C THR D 44 -32.93 -30.69 -0.36
N GLU D 45 -33.39 -31.18 0.79
CA GLU D 45 -34.75 -30.89 1.25
C GLU D 45 -34.80 -29.66 2.14
N VAL D 46 -35.64 -28.71 1.79
CA VAL D 46 -35.73 -27.44 2.47
C VAL D 46 -37.05 -27.30 3.26
N SER D 47 -36.99 -26.70 4.44
CA SER D 47 -38.20 -26.42 5.21
C SER D 47 -38.20 -25.00 5.70
N VAL D 48 -39.20 -24.22 5.29
CA VAL D 48 -39.29 -22.86 5.79
C VAL D 48 -40.74 -22.37 5.87
N ASP D 49 -41.00 -21.50 6.85
CA ASP D 49 -42.28 -20.80 6.95
C ASP D 49 -43.40 -21.84 6.86
N ASN D 50 -43.15 -23.00 7.46
CA ASN D 50 -44.03 -24.19 7.35
C ASN D 50 -44.15 -24.88 5.95
N GLN D 51 -43.42 -24.37 4.96
CA GLN D 51 -43.35 -24.96 3.61
C GLN D 51 -42.12 -25.82 3.38
N THR D 52 -42.31 -26.97 2.72
CA THR D 52 -41.21 -27.87 2.27
C THR D 52 -40.97 -27.81 0.72
N VAL D 53 -39.75 -28.15 0.27
CA VAL D 53 -39.40 -28.26 -1.18
C VAL D 53 -38.06 -28.98 -1.41
N THR D 54 -37.92 -29.73 -2.50
CA THR D 54 -36.66 -30.41 -2.85
C THR D 54 -35.98 -29.78 -4.06
N LEU D 55 -34.75 -29.32 -3.88
CA LEU D 55 -33.96 -28.65 -4.93
C LEU D 55 -33.65 -29.53 -6.12
N ARG D 56 -33.77 -28.98 -7.32
CA ARG D 56 -33.63 -29.70 -8.59
C ARG D 56 -32.35 -29.44 -9.35
N GLN D 57 -31.69 -28.34 -9.01
CA GLN D 57 -30.35 -28.01 -9.48
C GLN D 57 -29.55 -27.62 -8.23
N ASP D 58 -28.22 -27.62 -8.37
CA ASP D 58 -27.38 -26.87 -7.44
C ASP D 58 -27.82 -25.42 -7.38
N VAL D 59 -27.76 -24.85 -6.18
CA VAL D 59 -28.09 -23.46 -5.99
C VAL D 59 -26.96 -22.82 -5.17
N ALA D 60 -26.16 -21.98 -5.84
CA ALA D 60 -25.07 -21.24 -5.24
C ALA D 60 -25.51 -20.30 -4.13
N ARG D 61 -24.68 -20.09 -3.12
CA ARG D 61 -25.01 -19.13 -2.07
C ARG D 61 -25.42 -17.76 -2.69
N GLY D 62 -26.42 -17.11 -2.13
CA GLY D 62 -26.89 -15.80 -2.60
C GLY D 62 -27.93 -15.90 -3.71
N HIS D 63 -28.07 -17.08 -4.33
CA HIS D 63 -28.99 -17.27 -5.46
C HIS D 63 -30.37 -17.73 -5.00
N LYS D 64 -31.37 -17.48 -5.85
CA LYS D 64 -32.75 -17.78 -5.55
C LYS D 64 -33.10 -19.20 -6.00
N PHE D 65 -34.08 -19.77 -5.33
CA PHE D 65 -34.76 -20.96 -5.84
C PHE D 65 -36.24 -20.88 -5.54
N ALA D 66 -37.04 -21.53 -6.38
CA ALA D 66 -38.48 -21.43 -6.30
C ALA D 66 -39.02 -22.30 -5.16
N LEU D 67 -39.93 -21.70 -4.39
CA LEU D 67 -40.61 -22.40 -3.29
C LEU D 67 -41.86 -23.10 -3.77
N THR D 68 -42.35 -22.69 -4.94
CA THR D 68 -43.54 -23.23 -5.54
C THR D 68 -43.41 -23.10 -7.05
N ASP D 69 -44.26 -23.77 -7.81
CA ASP D 69 -44.27 -23.61 -9.27
C ASP D 69 -44.52 -22.13 -9.60
N ILE D 70 -43.85 -21.63 -10.61
CA ILE D 70 -44.04 -20.26 -11.08
C ILE D 70 -44.23 -20.33 -12.59
N ALA D 71 -45.42 -20.05 -13.08
CA ALA D 71 -45.70 -20.26 -14.50
C ALA D 71 -45.07 -19.19 -15.36
N LYS D 72 -44.83 -19.50 -16.62
CA LYS D 72 -44.34 -18.53 -17.58
C LYS D 72 -45.15 -17.25 -17.47
N GLY D 73 -44.46 -16.12 -17.34
CA GLY D 73 -45.09 -14.81 -17.25
C GLY D 73 -45.47 -14.34 -15.86
N ALA D 74 -45.56 -15.29 -14.94
CA ALA D 74 -46.00 -15.00 -13.62
C ALA D 74 -44.88 -14.28 -12.82
N ASN D 75 -45.29 -13.41 -11.90
CA ASN D 75 -44.35 -12.66 -11.09
C ASN D 75 -43.48 -13.57 -10.23
N VAL D 76 -42.21 -13.21 -10.15
CA VAL D 76 -41.38 -13.62 -9.05
C VAL D 76 -41.70 -12.63 -7.93
N ILE D 77 -41.99 -13.15 -6.73
CA ILE D 77 -42.30 -12.31 -5.56
C ILE D 77 -41.19 -12.52 -4.54
N LYS D 78 -40.56 -11.42 -4.18
CA LYS D 78 -39.42 -11.38 -3.29
C LYS D 78 -39.49 -10.06 -2.52
N TYR D 79 -39.19 -10.10 -1.24
CA TYR D 79 -39.33 -8.94 -0.34
C TYR D 79 -40.80 -8.56 -0.21
N GLY D 80 -41.69 -9.47 -0.58
CA GLY D 80 -43.12 -9.14 -0.64
C GLY D 80 -43.55 -8.35 -1.87
N LEU D 81 -42.63 -8.13 -2.80
CA LEU D 81 -42.87 -7.31 -4.01
C LEU D 81 -42.78 -8.14 -5.28
N PRO D 82 -43.50 -7.72 -6.31
CA PRO D 82 -43.22 -8.26 -7.62
C PRO D 82 -41.95 -7.64 -8.15
N ILE D 83 -40.93 -8.49 -8.33
CA ILE D 83 -39.65 -8.00 -8.72
C ILE D 83 -39.31 -8.30 -10.18
N GLY D 84 -40.15 -9.06 -10.84
CA GLY D 84 -39.90 -9.56 -12.16
C GLY D 84 -40.89 -10.65 -12.55
N TYR D 85 -40.58 -11.41 -13.59
CA TYR D 85 -41.46 -12.46 -14.04
C TYR D 85 -40.70 -13.64 -14.66
N ALA D 86 -41.36 -14.80 -14.80
CA ALA D 86 -40.74 -16.02 -15.31
C ALA D 86 -40.70 -15.99 -16.83
N LEU D 87 -39.57 -16.40 -17.41
CA LEU D 87 -39.45 -16.52 -18.86
C LEU D 87 -39.98 -17.87 -19.38
N ALA D 88 -40.19 -18.81 -18.45
CA ALA D 88 -40.65 -20.14 -18.79
C ALA D 88 -41.24 -20.72 -17.54
N ASP D 89 -42.02 -21.79 -17.67
CA ASP D 89 -42.56 -22.44 -16.51
C ASP D 89 -41.38 -22.81 -15.60
N ILE D 90 -41.48 -22.48 -14.33
CA ILE D 90 -40.45 -22.83 -13.36
C ILE D 90 -41.08 -23.77 -12.32
N ALA D 91 -40.43 -24.91 -12.11
CA ALA D 91 -40.87 -25.92 -11.13
C ALA D 91 -40.35 -25.59 -9.74
N ALA D 92 -41.14 -25.91 -8.72
CA ALA D 92 -40.72 -25.80 -7.32
C ALA D 92 -39.38 -26.51 -7.16
N GLY D 93 -38.45 -25.83 -6.51
CA GLY D 93 -37.09 -26.35 -6.30
C GLY D 93 -36.09 -26.09 -7.40
N GLU D 94 -36.48 -25.36 -8.46
CA GLU D 94 -35.53 -24.96 -9.49
C GLU D 94 -34.74 -23.72 -9.11
N HIS D 95 -33.51 -23.67 -9.62
CA HIS D 95 -32.69 -22.45 -9.59
C HIS D 95 -33.39 -21.32 -10.33
N VAL D 96 -33.62 -20.21 -9.63
CA VAL D 96 -34.20 -19.01 -10.23
C VAL D 96 -33.11 -17.94 -10.46
N HIS D 97 -32.88 -17.61 -11.72
CA HIS D 97 -31.85 -16.63 -12.08
C HIS D 97 -32.09 -16.01 -13.46
N ALA D 98 -31.04 -15.41 -14.01
CA ALA D 98 -31.12 -14.72 -15.30
C ALA D 98 -31.60 -15.61 -16.42
N HIS D 99 -31.34 -16.90 -16.32
CA HIS D 99 -31.71 -17.86 -17.36
C HIS D 99 -33.22 -18.06 -17.52
N ASN D 100 -33.97 -17.97 -16.43
CA ASN D 100 -35.39 -18.29 -16.47
C ASN D 100 -36.32 -17.23 -15.87
N THR D 101 -35.77 -16.08 -15.50
CA THR D 101 -36.56 -14.94 -15.05
C THR D 101 -35.96 -13.62 -15.54
N ARG D 102 -36.78 -12.58 -15.56
CA ARG D 102 -36.33 -11.23 -15.82
C ARG D 102 -36.70 -10.37 -14.64
N THR D 103 -35.77 -9.52 -14.22
CA THR D 103 -35.95 -8.62 -13.11
C THR D 103 -36.39 -7.26 -13.65
N ASN D 104 -37.40 -6.68 -13.04
CA ASN D 104 -38.01 -5.42 -13.51
C ASN D 104 -37.95 -4.27 -12.50
N LEU D 105 -37.21 -4.42 -11.43
CA LEU D 105 -37.19 -3.39 -10.38
C LEU D 105 -36.63 -2.04 -10.89
N GLY E 21 -7.67 9.39 8.61
CA GLY E 21 -6.31 8.94 9.04
C GLY E 21 -5.21 9.33 8.05
N GLN E 23 -2.54 9.38 5.05
CA GLN E 23 -2.81 9.31 3.65
C GLN E 23 -1.89 8.31 2.93
N TYR E 24 -0.89 7.78 3.62
CA TYR E 24 0.10 6.84 3.01
C TYR E 24 0.85 6.06 4.08
N ILE E 25 1.55 5.01 3.65
CA ILE E 25 2.37 4.22 4.60
C ILE E 25 3.66 3.79 3.91
N LYS E 26 4.80 4.00 4.59
CA LYS E 26 6.07 3.43 4.19
C LYS E 26 6.26 2.24 5.12
N ILE E 27 6.19 1.03 4.55
CA ILE E 27 6.00 -0.16 5.38
C ILE E 27 7.27 -0.51 6.11
N HIS E 28 8.42 -0.35 5.42
CA HIS E 28 9.71 -0.73 6.00
C HIS E 28 10.73 0.39 5.72
N ALA E 29 11.64 0.60 6.68
CA ALA E 29 12.69 1.61 6.61
C ALA E 29 13.49 1.64 5.27
N LEU E 30 13.77 0.46 4.71
CA LEU E 30 14.53 0.31 3.46
C LEU E 30 13.73 0.60 2.18
N ASP E 31 12.42 0.79 2.30
CA ASP E 31 11.55 0.82 1.11
C ASP E 31 11.81 2.08 0.27
N ASN E 32 11.70 1.97 -1.05
CA ASN E 32 11.80 3.14 -1.92
C ASN E 32 10.44 3.50 -2.54
N VAL E 33 9.39 2.87 -2.00
CA VAL E 33 8.00 3.14 -2.38
C VAL E 33 7.18 3.24 -1.13
N ALA E 34 6.14 4.08 -1.16
CA ALA E 34 5.07 4.11 -0.16
C ALA E 34 3.75 3.72 -0.83
N VAL E 35 2.76 3.32 -0.03
CA VAL E 35 1.44 2.97 -0.50
C VAL E 35 0.46 4.07 -0.12
N ALA E 36 -0.25 4.60 -1.12
CA ALA E 36 -1.42 5.48 -0.90
C ALA E 36 -2.53 4.77 -0.08
N LEU E 37 -2.99 5.40 1.01
CA LEU E 37 -4.11 4.91 1.78
C LEU E 37 -5.40 5.69 1.41
N ALA E 38 -5.28 6.69 0.53
CA ALA E 38 -6.42 7.40 -0.04
C ALA E 38 -6.05 7.72 -1.44
N ASP E 39 -7.01 8.17 -2.24
CA ASP E 39 -6.66 8.66 -3.57
C ASP E 39 -5.96 10.01 -3.36
N LEU E 40 -4.69 10.10 -3.73
CA LEU E 40 -3.87 11.29 -3.47
C LEU E 40 -3.74 12.13 -4.74
N ALA E 41 -3.89 13.45 -4.60
CA ALA E 41 -3.87 14.34 -5.73
C ALA E 41 -2.45 14.74 -6.10
N GLU E 42 -2.22 14.89 -7.41
CA GLU E 42 -1.00 15.45 -7.95
C GLU E 42 -0.68 16.71 -7.18
N GLY E 43 0.60 16.94 -6.92
CA GLY E 43 1.02 18.13 -6.18
C GLY E 43 1.06 17.85 -4.69
N THR E 44 0.43 16.77 -4.24
CA THR E 44 0.49 16.46 -2.82
C THR E 44 1.93 16.28 -2.36
N GLU E 45 2.27 16.95 -1.26
CA GLU E 45 3.60 16.85 -0.69
C GLU E 45 3.62 15.81 0.40
N VAL E 46 4.37 14.75 0.19
CA VAL E 46 4.37 13.64 1.08
C VAL E 46 5.65 13.67 1.87
N SER E 47 5.53 13.55 3.19
CA SER E 47 6.67 13.48 4.07
C SER E 47 6.54 12.22 4.90
N VAL E 48 7.52 11.33 4.77
CA VAL E 48 7.52 10.10 5.55
C VAL E 48 8.94 9.68 5.83
N ASP E 49 9.21 9.27 7.06
CA ASP E 49 10.59 8.94 7.48
C ASP E 49 11.34 10.21 7.10
N ASN E 50 12.63 10.15 6.82
CA ASN E 50 13.32 11.37 6.44
C ASN E 50 13.25 11.68 4.92
N GLN E 51 12.09 11.44 4.31
CA GLN E 51 11.96 11.63 2.85
C GLN E 51 10.76 12.51 2.54
N THR E 52 10.95 13.44 1.59
CA THR E 52 9.86 14.32 1.12
C THR E 52 9.77 14.24 -0.40
N VAL E 53 8.59 13.92 -0.92
CA VAL E 53 8.39 13.89 -2.36
C VAL E 53 7.14 14.63 -2.71
N THR E 54 7.06 15.13 -3.94
CA THR E 54 5.85 15.76 -4.47
C THR E 54 5.23 14.83 -5.52
N LEU E 55 3.97 14.45 -5.35
CA LEU E 55 3.36 13.55 -6.31
C LEU E 55 3.27 14.20 -7.66
N ARG E 56 3.77 13.49 -8.66
CA ARG E 56 3.83 14.03 -9.99
C ARG E 56 2.55 13.75 -10.73
N GLN E 57 1.65 12.99 -10.07
CA GLN E 57 0.34 12.68 -10.63
C GLN E 57 -0.64 12.18 -9.57
N ASP E 58 -1.91 12.14 -9.91
CA ASP E 58 -2.89 11.48 -9.05
C ASP E 58 -2.47 10.01 -8.82
N VAL E 59 -2.45 9.56 -7.56
CA VAL E 59 -2.11 8.17 -7.20
C VAL E 59 -3.33 7.55 -6.46
N ALA E 60 -3.95 6.57 -7.11
CA ALA E 60 -5.12 5.90 -6.55
C ALA E 60 -4.77 5.17 -5.21
N ARG E 61 -5.73 5.06 -4.31
CA ARG E 61 -5.52 4.33 -3.05
C ARG E 61 -5.08 2.89 -3.36
N GLY E 62 -4.14 2.39 -2.56
CA GLY E 62 -3.57 1.05 -2.74
C GLY E 62 -2.39 0.94 -3.69
N HIS E 63 -2.13 2.00 -4.46
CA HIS E 63 -1.05 2.01 -5.42
C HIS E 63 0.19 2.58 -4.76
N LYS E 64 1.35 2.22 -5.31
CA LYS E 64 2.65 2.67 -4.84
C LYS E 64 3.10 3.93 -5.55
N PHE E 65 3.89 4.75 -4.86
CA PHE E 65 4.63 5.86 -5.51
C PHE E 65 6.07 5.92 -4.96
N ALA E 66 6.98 6.42 -5.79
CA ALA E 66 8.40 6.42 -5.47
C ALA E 66 8.74 7.42 -4.40
N LEU E 67 9.51 6.97 -3.42
CA LEU E 67 10.02 7.87 -2.38
C LEU E 67 11.37 8.49 -2.74
N THR E 68 12.06 7.89 -3.72
CA THR E 68 13.37 8.33 -4.18
C THR E 68 13.46 7.95 -5.66
N ASP E 69 14.41 8.52 -6.39
CA ASP E 69 14.66 8.09 -7.75
C ASP E 69 15.01 6.59 -7.74
N ILE E 70 14.53 5.86 -8.75
CA ILE E 70 14.82 4.45 -8.94
C ILE E 70 15.32 4.31 -10.38
N ALA E 71 16.60 3.95 -10.51
CA ALA E 71 17.25 3.81 -11.81
C ALA E 71 16.67 2.65 -12.60
N LYS E 72 16.62 2.83 -13.91
CA LYS E 72 16.37 1.73 -14.82
C LYS E 72 17.23 0.51 -14.40
N GLY E 73 16.58 -0.66 -14.28
CA GLY E 73 17.22 -1.90 -13.85
C GLY E 73 17.31 -2.17 -12.35
N ALA E 74 17.02 -1.18 -11.52
CA ALA E 74 17.23 -1.29 -10.08
C ALA E 74 16.01 -1.85 -9.35
N ASN E 75 16.24 -2.35 -8.14
CA ASN E 75 15.15 -2.92 -7.33
C ASN E 75 14.13 -1.88 -6.86
N VAL E 76 12.86 -2.26 -6.91
CA VAL E 76 11.80 -1.64 -6.14
C VAL E 76 11.78 -2.41 -4.79
N ILE E 77 11.85 -1.67 -3.70
CA ILE E 77 11.91 -2.24 -2.35
C ILE E 77 10.65 -1.86 -1.58
N LYS E 78 9.99 -2.88 -1.04
CA LYS E 78 8.76 -2.76 -0.31
C LYS E 78 8.76 -3.90 0.69
N TYR E 79 8.20 -3.68 1.86
CA TYR E 79 8.27 -4.64 2.94
C TYR E 79 9.70 -4.89 3.36
N GLY E 80 10.64 -4.09 2.87
CA GLY E 80 12.05 -4.36 3.14
C GLY E 80 12.71 -5.34 2.19
N LEU E 81 11.97 -5.78 1.17
CA LEU E 81 12.37 -6.82 0.22
C LEU E 81 12.35 -6.24 -1.20
N PRO E 82 13.17 -6.78 -2.10
CA PRO E 82 13.04 -6.42 -3.52
C PRO E 82 11.79 -7.05 -4.16
N ILE E 83 10.79 -6.27 -4.48
CA ILE E 83 9.57 -6.88 -4.99
C ILE E 83 9.49 -6.80 -6.51
N GLY E 84 10.50 -6.17 -7.11
CA GLY E 84 10.53 -5.98 -8.54
C GLY E 84 11.63 -5.04 -8.97
N TYR E 85 11.60 -4.61 -10.23
CA TYR E 85 12.63 -3.73 -10.72
C TYR E 85 12.08 -2.77 -11.77
N ALA E 86 12.77 -1.65 -11.93
CA ALA E 86 12.33 -0.56 -12.82
C ALA E 86 12.62 -0.91 -14.25
N LEU E 87 11.61 -0.84 -15.10
CA LEU E 87 11.83 -0.98 -16.55
C LEU E 87 12.40 0.29 -17.17
N ALA E 88 12.31 1.40 -16.46
CA ALA E 88 12.88 2.65 -16.90
C ALA E 88 13.18 3.49 -15.65
N ASP E 89 13.85 4.62 -15.83
CA ASP E 89 14.15 5.51 -14.71
C ASP E 89 12.82 6.03 -14.13
N ILE E 90 12.71 5.99 -12.81
CA ILE E 90 11.53 6.48 -12.10
C ILE E 90 11.97 7.60 -11.17
N ALA E 91 11.28 8.73 -11.24
CA ALA E 91 11.56 9.88 -10.40
C ALA E 91 10.76 9.76 -9.13
N ALA E 92 11.35 10.21 -8.03
CA ALA E 92 10.70 10.38 -6.76
C ALA E 92 9.37 11.08 -6.99
N GLY E 93 8.29 10.48 -6.50
CA GLY E 93 6.97 11.05 -6.65
C GLY E 93 6.14 10.53 -7.80
N GLU E 94 6.75 9.73 -8.68
CA GLU E 94 6.02 9.04 -9.74
C GLU E 94 5.28 7.82 -9.23
N HIS E 95 4.17 7.53 -9.89
CA HIS E 95 3.40 6.30 -9.76
C HIS E 95 4.30 5.14 -10.17
N VAL E 96 4.33 4.10 -9.34
CA VAL E 96 5.12 2.88 -9.61
C VAL E 96 4.15 1.74 -9.88
N HIS E 97 4.09 1.26 -11.10
CA HIS E 97 3.06 0.30 -11.48
C HIS E 97 3.54 -0.50 -12.70
N ALA E 98 2.61 -1.16 -13.39
CA ALA E 98 2.93 -2.02 -14.53
C ALA E 98 3.58 -1.29 -15.70
N HIS E 99 3.30 0.00 -15.88
CA HIS E 99 3.90 0.73 -17.01
C HIS E 99 5.40 0.87 -16.84
N ASN E 100 5.87 0.90 -15.59
CA ASN E 100 7.28 1.18 -15.35
C ASN E 100 8.02 0.22 -14.40
N THR E 101 7.39 -0.86 -13.99
CA THR E 101 8.08 -1.85 -13.15
C THR E 101 7.60 -3.25 -13.51
N ARG E 102 8.44 -4.23 -13.19
CA ARG E 102 8.02 -5.60 -13.24
C ARG E 102 8.19 -6.09 -11.84
N THR E 103 7.12 -6.59 -11.25
CA THR E 103 7.27 -7.26 -9.97
C THR E 103 7.80 -8.71 -10.12
N ASN E 104 8.38 -9.15 -9.02
CA ASN E 104 8.97 -10.46 -8.86
C ASN E 104 7.97 -11.36 -8.10
N LEU E 105 6.80 -10.79 -7.81
CA LEU E 105 5.86 -11.36 -6.83
C LEU E 105 4.62 -12.04 -7.46
N GLY F 21 22.16 -36.96 -26.50
CA GLY F 21 22.43 -36.57 -25.10
C GLY F 21 21.20 -36.08 -24.35
N GLN F 23 18.39 -33.90 -22.81
CA GLN F 23 17.69 -32.79 -23.43
C GLN F 23 16.99 -31.90 -22.40
N TYR F 24 17.47 -31.96 -21.16
CA TYR F 24 16.95 -31.15 -20.07
C TYR F 24 18.03 -30.85 -19.04
N ILE F 25 17.85 -29.78 -18.30
CA ILE F 25 18.66 -29.52 -17.12
C ILE F 25 17.74 -29.24 -15.93
N LYS F 26 17.96 -29.95 -14.83
CA LYS F 26 17.37 -29.62 -13.54
C LYS F 26 18.47 -28.94 -12.73
N ILE F 27 18.30 -27.64 -12.44
CA ILE F 27 19.42 -26.82 -11.92
C ILE F 27 19.78 -27.13 -10.46
N HIS F 28 18.81 -27.43 -9.61
CA HIS F 28 19.01 -27.62 -8.17
C HIS F 28 18.15 -28.80 -7.73
N ALA F 29 18.60 -29.54 -6.71
CA ALA F 29 17.87 -30.72 -6.19
C ALA F 29 16.44 -30.45 -5.72
N LEU F 30 16.13 -29.23 -5.32
CA LEU F 30 14.81 -28.93 -4.80
C LEU F 30 13.82 -28.55 -5.92
N ASP F 31 14.30 -28.33 -7.13
CA ASP F 31 13.48 -27.82 -8.19
C ASP F 31 12.37 -28.78 -8.60
N ASN F 32 11.21 -28.21 -8.91
CA ASN F 32 10.10 -28.98 -9.46
C ASN F 32 9.86 -28.64 -10.94
N VAL F 33 10.75 -27.83 -11.52
CA VAL F 33 10.80 -27.61 -12.98
C VAL F 33 12.23 -27.91 -13.49
N ALA F 34 12.30 -28.33 -14.74
CA ALA F 34 13.52 -28.44 -15.50
C ALA F 34 13.43 -27.55 -16.74
N VAL F 35 14.58 -27.19 -17.31
CA VAL F 35 14.66 -26.43 -18.58
C VAL F 35 15.00 -27.38 -19.74
N ALA F 36 14.26 -27.31 -20.85
CA ALA F 36 14.57 -28.06 -22.06
C ALA F 36 15.75 -27.49 -22.82
N LEU F 37 16.67 -28.37 -23.25
CA LEU F 37 17.87 -27.97 -23.96
C LEU F 37 17.72 -28.05 -25.46
N ALA F 38 16.55 -28.52 -25.91
CA ALA F 38 16.16 -28.54 -27.32
C ALA F 38 14.64 -28.49 -27.36
N ASP F 39 14.06 -28.20 -28.51
CA ASP F 39 12.61 -28.22 -28.64
C ASP F 39 12.19 -29.65 -28.40
N LEU F 40 11.27 -29.88 -27.48
CA LEU F 40 10.84 -31.24 -27.17
C LEU F 40 9.37 -31.36 -27.49
N ALA F 41 9.01 -32.47 -28.14
CA ALA F 41 7.66 -32.71 -28.61
C ALA F 41 6.80 -33.35 -27.54
N GLU F 42 5.52 -32.99 -27.56
CA GLU F 42 4.50 -33.66 -26.78
C GLU F 42 4.65 -35.18 -26.91
N GLY F 43 4.63 -35.88 -25.77
CA GLY F 43 4.79 -37.32 -25.76
C GLY F 43 6.20 -37.80 -25.53
N THR F 44 7.19 -36.93 -25.74
CA THR F 44 8.57 -37.28 -25.41
C THR F 44 8.66 -37.82 -23.98
N GLU F 45 9.42 -38.89 -23.78
CA GLU F 45 9.68 -39.40 -22.44
C GLU F 45 11.07 -38.92 -22.02
N VAL F 46 11.11 -37.95 -21.13
CA VAL F 46 12.39 -37.49 -20.61
C VAL F 46 12.75 -38.40 -19.43
N SER F 47 13.93 -39.01 -19.46
CA SER F 47 14.38 -39.70 -18.25
C SER F 47 15.12 -38.66 -17.40
N VAL F 48 14.65 -38.50 -16.17
CA VAL F 48 15.20 -37.60 -15.20
C VAL F 48 15.70 -38.50 -14.07
N ASP F 49 17.02 -38.51 -13.91
CA ASP F 49 17.72 -39.53 -13.13
C ASP F 49 17.19 -40.90 -13.62
N ASN F 50 16.59 -41.72 -12.78
CA ASN F 50 16.08 -42.99 -13.31
C ASN F 50 14.57 -42.99 -13.57
N GLN F 51 13.96 -41.80 -13.46
CA GLN F 51 12.52 -41.60 -13.63
C GLN F 51 12.18 -41.14 -15.03
N THR F 52 10.91 -41.28 -15.37
CA THR F 52 10.43 -40.88 -16.66
C THR F 52 9.38 -39.80 -16.45
N VAL F 53 9.54 -38.70 -17.16
CA VAL F 53 8.52 -37.64 -17.21
C VAL F 53 8.03 -37.56 -18.66
N THR F 54 6.72 -37.78 -18.85
CA THR F 54 6.14 -37.73 -20.17
C THR F 54 5.56 -36.36 -20.42
N LEU F 55 6.12 -35.68 -21.42
CA LEU F 55 5.68 -34.35 -21.79
C LEU F 55 4.27 -34.37 -22.32
N ARG F 56 3.48 -33.40 -21.87
CA ARG F 56 2.06 -33.26 -22.20
C ARG F 56 1.80 -32.17 -23.25
N GLN F 57 2.76 -31.27 -23.39
CA GLN F 57 2.78 -30.31 -24.48
C GLN F 57 4.17 -30.29 -25.11
N ASP F 58 4.25 -29.62 -26.25
CA ASP F 58 5.54 -29.18 -26.78
C ASP F 58 6.20 -28.27 -25.74
N VAL F 59 7.48 -28.47 -25.47
CA VAL F 59 8.28 -27.56 -24.61
C VAL F 59 9.42 -27.07 -25.48
N ALA F 60 9.41 -25.79 -25.82
CA ALA F 60 10.43 -25.24 -26.69
C ALA F 60 11.76 -25.13 -25.94
N ARG F 61 12.82 -25.09 -26.69
CA ARG F 61 14.13 -24.96 -26.12
C ARG F 61 14.23 -23.74 -25.21
N GLY F 62 14.73 -23.95 -24.00
CA GLY F 62 14.82 -22.89 -23.01
C GLY F 62 13.61 -22.74 -22.13
N HIS F 63 12.53 -23.43 -22.47
CA HIS F 63 11.32 -23.37 -21.69
C HIS F 63 11.38 -24.44 -20.60
N LYS F 64 10.48 -24.26 -19.63
CA LYS F 64 10.35 -25.09 -18.45
C LYS F 64 9.26 -26.09 -18.61
N PHE F 65 9.43 -27.23 -17.94
CA PHE F 65 8.38 -28.20 -17.74
C PHE F 65 8.42 -28.74 -16.33
N ALA F 66 7.26 -29.23 -15.89
CA ALA F 66 7.09 -29.69 -14.52
C ALA F 66 7.69 -31.08 -14.34
N LEU F 67 8.56 -31.24 -13.35
CA LEU F 67 9.16 -32.53 -13.01
C LEU F 67 8.27 -33.39 -12.13
N THR F 68 7.37 -32.72 -11.41
CA THR F 68 6.46 -33.36 -10.49
C THR F 68 5.23 -32.48 -10.50
N ASP F 69 4.14 -33.01 -9.95
CA ASP F 69 2.91 -32.25 -9.78
C ASP F 69 3.12 -31.03 -8.93
N ILE F 70 2.49 -29.93 -9.34
CA ILE F 70 2.51 -28.70 -8.56
C ILE F 70 1.08 -28.28 -8.22
N ALA F 71 0.73 -28.21 -6.94
CA ALA F 71 -0.64 -27.83 -6.57
C ALA F 71 -0.91 -26.34 -6.85
N LYS F 72 -2.16 -26.03 -7.20
CA LYS F 72 -2.64 -24.66 -7.28
C LYS F 72 -2.22 -23.92 -6.01
N GLY F 73 -1.54 -22.79 -6.20
CA GLY F 73 -1.13 -21.93 -5.10
C GLY F 73 0.27 -22.17 -4.58
N ALA F 74 0.86 -23.29 -5.02
CA ALA F 74 2.15 -23.74 -4.52
C ALA F 74 3.28 -23.15 -5.33
N ASN F 75 4.46 -23.17 -4.72
CA ASN F 75 5.64 -22.53 -5.30
C ASN F 75 6.16 -23.33 -6.46
N VAL F 76 6.59 -22.59 -7.48
CA VAL F 76 7.44 -23.13 -8.53
C VAL F 76 8.86 -22.87 -8.08
N ILE F 77 9.67 -23.94 -8.04
CA ILE F 77 11.02 -23.88 -7.51
C ILE F 77 12.06 -24.12 -8.62
N LYS F 78 12.97 -23.16 -8.80
CA LYS F 78 14.05 -23.24 -9.77
C LYS F 78 15.26 -22.57 -9.14
N TYR F 79 16.45 -23.08 -9.45
CA TYR F 79 17.68 -22.61 -8.80
C TYR F 79 17.64 -22.87 -7.29
N GLY F 80 16.72 -23.71 -6.81
CA GLY F 80 16.48 -23.88 -5.36
C GLY F 80 15.62 -22.80 -4.68
N LEU F 81 15.06 -21.92 -5.48
CA LEU F 81 14.30 -20.76 -5.02
C LEU F 81 12.86 -20.80 -5.52
N PRO F 82 11.93 -20.22 -4.75
CA PRO F 82 10.58 -20.02 -5.27
C PRO F 82 10.56 -18.92 -6.32
N ILE F 83 10.38 -19.25 -7.59
CA ILE F 83 10.42 -18.21 -8.63
C ILE F 83 9.04 -17.77 -9.06
N GLY F 84 8.01 -18.36 -8.49
CA GLY F 84 6.61 -18.00 -8.78
C GLY F 84 5.71 -19.08 -8.25
N TYR F 85 4.46 -19.09 -8.67
CA TYR F 85 3.55 -20.06 -8.13
C TYR F 85 2.55 -20.46 -9.20
N ALA F 86 1.90 -21.58 -8.94
CA ALA F 86 0.96 -22.18 -9.87
C ALA F 86 -0.42 -21.52 -9.73
N LEU F 87 -1.01 -21.17 -10.87
CA LEU F 87 -2.35 -20.61 -10.95
C LEU F 87 -3.39 -21.69 -10.91
N ALA F 88 -2.97 -22.92 -11.19
CA ALA F 88 -3.84 -24.08 -11.25
C ALA F 88 -2.98 -25.29 -10.93
N ASP F 89 -3.60 -26.43 -10.67
CA ASP F 89 -2.83 -27.66 -10.53
C ASP F 89 -2.04 -27.88 -11.82
N ILE F 90 -0.78 -28.26 -11.68
CA ILE F 90 0.08 -28.62 -12.81
C ILE F 90 0.53 -30.07 -12.67
N ALA F 91 0.33 -30.86 -13.72
CA ALA F 91 0.77 -32.25 -13.76
C ALA F 91 2.22 -32.33 -14.15
N ALA F 92 2.93 -33.34 -13.65
CA ALA F 92 4.28 -33.65 -14.13
C ALA F 92 4.24 -33.75 -15.64
N GLY F 93 5.20 -33.10 -16.30
CA GLY F 93 5.28 -33.13 -17.75
C GLY F 93 4.63 -31.98 -18.49
N GLU F 94 3.91 -31.11 -17.78
CA GLU F 94 3.29 -29.95 -18.39
C GLU F 94 4.32 -28.85 -18.67
N HIS F 95 4.06 -28.12 -19.74
CA HIS F 95 4.74 -26.88 -20.03
C HIS F 95 4.36 -25.93 -18.91
N VAL F 96 5.36 -25.33 -18.28
CA VAL F 96 5.15 -24.32 -17.26
C VAL F 96 5.52 -22.98 -17.84
N HIS F 97 4.54 -22.09 -17.89
CA HIS F 97 4.68 -20.78 -18.49
C HIS F 97 3.56 -19.87 -17.96
N ALA F 98 3.44 -18.69 -18.56
CA ALA F 98 2.40 -17.70 -18.23
C ALA F 98 0.95 -18.26 -18.14
N HIS F 99 0.66 -19.36 -18.82
CA HIS F 99 -0.71 -19.88 -18.82
C HIS F 99 -1.08 -20.61 -17.52
N ASN F 100 -0.11 -21.14 -16.79
CA ASN F 100 -0.43 -21.88 -15.56
C ASN F 100 0.37 -21.45 -14.35
N THR F 101 1.21 -20.45 -14.50
CA THR F 101 2.03 -19.96 -13.41
C THR F 101 2.20 -18.48 -13.56
N ARG F 102 2.53 -17.85 -12.47
CA ARG F 102 2.85 -16.44 -12.44
C ARG F 102 4.24 -16.50 -11.85
N THR F 103 5.24 -15.89 -12.48
CA THR F 103 6.56 -15.88 -11.85
C THR F 103 7.02 -14.48 -11.42
N ASN F 104 8.29 -14.17 -11.79
CA ASN F 104 9.07 -13.04 -11.21
C ASN F 104 10.05 -12.40 -12.23
N LEU F 105 9.64 -11.31 -12.89
CA LEU F 105 10.35 -10.86 -14.09
C LEU F 105 9.90 -9.51 -14.69
N GLY G 21 29.80 -22.48 0.05
CA GLY G 21 28.54 -21.74 -0.19
C GLY G 21 28.47 -21.21 -1.62
N GLN G 23 26.44 -17.88 -3.43
CA GLN G 23 25.65 -16.69 -3.42
C GLN G 23 25.07 -16.42 -4.82
N TYR G 24 25.57 -17.19 -5.79
CA TYR G 24 25.18 -17.11 -7.17
C TYR G 24 25.58 -18.40 -7.90
N ILE G 25 25.06 -18.59 -9.10
CA ILE G 25 25.39 -19.75 -9.89
C ILE G 25 25.53 -19.41 -11.37
N LYS G 26 26.65 -19.81 -11.95
CA LYS G 26 26.87 -19.83 -13.41
C LYS G 26 26.47 -21.22 -13.84
N ILE G 27 25.30 -21.33 -14.44
CA ILE G 27 24.64 -22.62 -14.56
C ILE G 27 25.38 -23.56 -15.52
N HIS G 28 25.94 -22.98 -16.57
CA HIS G 28 26.66 -23.72 -17.62
C HIS G 28 27.99 -23.00 -17.98
N ALA G 29 29.00 -23.79 -18.36
CA ALA G 29 30.31 -23.28 -18.64
C ALA G 29 30.28 -22.16 -19.67
N LEU G 30 29.37 -22.26 -20.64
CA LEU G 30 29.27 -21.26 -21.72
C LEU G 30 28.54 -19.95 -21.36
N ASP G 31 27.88 -19.91 -20.21
CA ASP G 31 27.02 -18.75 -19.89
C ASP G 31 27.81 -17.46 -19.67
N ASN G 32 27.21 -16.33 -20.03
CA ASN G 32 27.78 -15.01 -19.74
C ASN G 32 26.93 -14.24 -18.72
N VAL G 33 26.02 -14.96 -18.08
CA VAL G 33 25.25 -14.51 -16.94
C VAL G 33 25.31 -15.52 -15.82
N ALA G 34 25.15 -15.03 -14.60
CA ALA G 34 25.00 -15.85 -13.41
C ALA G 34 23.74 -15.43 -12.67
N VAL G 35 23.09 -16.39 -11.99
CA VAL G 35 21.87 -16.13 -11.23
C VAL G 35 22.20 -15.94 -9.75
N ALA G 36 21.71 -14.84 -9.18
CA ALA G 36 21.88 -14.56 -7.77
C ALA G 36 21.05 -15.57 -6.97
N LEU G 37 21.64 -16.17 -5.95
CA LEU G 37 20.90 -17.11 -5.10
C LEU G 37 20.52 -16.50 -3.75
N ALA G 38 20.95 -15.26 -3.53
CA ALA G 38 20.55 -14.41 -2.42
C ALA G 38 20.59 -13.00 -3.00
N ASP G 39 20.02 -12.07 -2.27
CA ASP G 39 20.05 -10.66 -2.61
C ASP G 39 21.51 -10.21 -2.46
N LEU G 40 22.09 -9.70 -3.54
CA LEU G 40 23.50 -9.29 -3.53
C LEU G 40 23.58 -7.76 -3.65
N ALA G 41 24.46 -7.15 -2.87
CA ALA G 41 24.66 -5.69 -2.86
C ALA G 41 25.52 -5.18 -4.02
N GLU G 42 25.19 -4.00 -4.50
CA GLU G 42 26.12 -3.23 -5.30
C GLU G 42 27.48 -3.22 -4.63
N GLY G 43 28.53 -3.35 -5.42
CA GLY G 43 29.89 -3.40 -4.90
C GLY G 43 30.39 -4.79 -4.53
N THR G 44 29.52 -5.78 -4.53
CA THR G 44 29.93 -7.16 -4.23
C THR G 44 30.85 -7.66 -5.33
N GLU G 45 31.98 -8.22 -4.93
CA GLU G 45 32.94 -8.76 -5.87
C GLU G 45 32.63 -10.22 -6.10
N VAL G 46 32.43 -10.61 -7.34
CA VAL G 46 32.04 -11.96 -7.66
C VAL G 46 33.18 -12.60 -8.43
N SER G 47 33.49 -13.84 -8.11
CA SER G 47 34.60 -14.55 -8.75
C SER G 47 34.11 -15.88 -9.26
N VAL G 48 34.13 -16.05 -10.59
CA VAL G 48 33.70 -17.31 -11.17
C VAL G 48 34.53 -17.60 -12.43
N ASP G 49 35.06 -18.82 -12.50
CA ASP G 49 36.04 -19.18 -13.54
C ASP G 49 37.18 -18.14 -13.63
N ASN G 50 37.38 -17.58 -14.83
CA ASN G 50 38.45 -16.61 -15.07
C ASN G 50 37.92 -15.18 -14.98
N GLN G 51 36.74 -15.03 -14.38
CA GLN G 51 35.97 -13.81 -14.48
C GLN G 51 35.73 -13.24 -13.09
N THR G 52 36.05 -11.97 -12.97
CA THR G 52 35.83 -11.22 -11.75
C THR G 52 35.07 -9.98 -12.09
N VAL G 53 33.90 -9.85 -11.47
CA VAL G 53 33.03 -8.73 -11.70
C VAL G 53 32.63 -8.12 -10.37
N THR G 54 32.34 -6.83 -10.41
CA THR G 54 31.82 -6.10 -9.27
C THR G 54 30.41 -5.72 -9.65
N LEU G 55 29.44 -6.07 -8.81
CA LEU G 55 28.06 -5.79 -9.11
C LEU G 55 27.89 -4.27 -9.17
N ARG G 56 27.19 -3.79 -10.18
CA ARG G 56 26.99 -2.35 -10.41
C ARG G 56 25.71 -1.82 -9.77
N GLN G 57 24.89 -2.74 -9.27
CA GLN G 57 23.67 -2.42 -8.56
C GLN G 57 23.28 -3.63 -7.72
N ASP G 58 22.34 -3.46 -6.81
CA ASP G 58 21.82 -4.56 -6.01
C ASP G 58 21.11 -5.47 -6.98
N VAL G 59 21.29 -6.77 -6.80
CA VAL G 59 20.62 -7.76 -7.61
C VAL G 59 19.85 -8.68 -6.66
N ALA G 60 18.55 -8.83 -6.93
CA ALA G 60 17.64 -9.63 -6.09
C ALA G 60 17.86 -11.09 -6.39
N ARG G 61 17.63 -11.94 -5.40
CA ARG G 61 17.76 -13.37 -5.64
C ARG G 61 16.88 -13.78 -6.81
N GLY G 62 17.34 -14.75 -7.59
CA GLY G 62 16.61 -15.24 -8.73
C GLY G 62 16.87 -14.43 -10.00
N HIS G 63 17.46 -13.23 -9.89
CA HIS G 63 17.78 -12.40 -11.06
C HIS G 63 19.22 -12.66 -11.53
N LYS G 64 19.53 -12.24 -12.72
CA LYS G 64 20.86 -12.50 -13.20
C LYS G 64 21.63 -11.25 -13.51
N PHE G 65 22.96 -11.37 -13.46
CA PHE G 65 23.87 -10.31 -13.82
C PHE G 65 24.91 -10.79 -14.86
N ALA G 66 25.48 -9.84 -15.60
CA ALA G 66 26.51 -10.16 -16.58
C ALA G 66 27.85 -10.51 -15.90
N LEU G 67 28.47 -11.59 -16.38
CA LEU G 67 29.76 -12.04 -15.90
C LEU G 67 30.88 -11.38 -16.71
N THR G 68 30.50 -10.78 -17.84
CA THR G 68 31.43 -10.14 -18.73
C THR G 68 30.62 -9.12 -19.51
N ASP G 69 31.26 -8.21 -20.20
CA ASP G 69 30.54 -7.27 -21.06
C ASP G 69 29.76 -8.04 -22.15
N ILE G 70 28.55 -7.60 -22.45
CA ILE G 70 27.76 -8.11 -23.55
C ILE G 70 27.47 -6.93 -24.45
N ALA G 71 28.04 -6.94 -25.65
CA ALA G 71 27.83 -5.85 -26.60
C ALA G 71 26.37 -5.83 -27.03
N LYS G 72 25.85 -4.64 -27.33
CA LYS G 72 24.54 -4.52 -27.95
C LYS G 72 24.42 -5.51 -29.12
N GLY G 73 23.32 -6.26 -29.17
CA GLY G 73 23.08 -7.24 -30.23
C GLY G 73 23.71 -8.62 -30.04
N ALA G 74 24.56 -8.77 -29.02
CA ALA G 74 25.26 -10.04 -28.77
C ALA G 74 24.35 -10.93 -27.94
N ASN G 75 24.65 -12.24 -27.95
CA ASN G 75 23.85 -13.21 -27.22
C ASN G 75 24.03 -13.10 -25.74
N VAL G 76 22.91 -13.22 -25.03
CA VAL G 76 22.89 -13.59 -23.64
C VAL G 76 22.82 -15.13 -23.60
N ILE G 77 23.75 -15.79 -22.92
CA ILE G 77 23.78 -17.26 -22.91
C ILE G 77 23.53 -17.72 -21.50
N LYS G 78 22.57 -18.62 -21.36
CA LYS G 78 22.21 -19.17 -20.06
C LYS G 78 21.80 -20.59 -20.28
N TYR G 79 22.14 -21.46 -19.35
CA TYR G 79 21.87 -22.91 -19.48
C TYR G 79 22.69 -23.54 -20.63
N GLY G 80 23.68 -22.79 -21.11
CA GLY G 80 24.44 -23.21 -22.28
C GLY G 80 23.69 -22.99 -23.59
N LEU G 81 22.67 -22.14 -23.54
CA LEU G 81 21.82 -21.83 -24.72
C LEU G 81 21.75 -20.33 -24.91
N PRO G 82 21.67 -19.88 -26.19
CA PRO G 82 21.39 -18.48 -26.38
C PRO G 82 19.94 -18.19 -26.02
N ILE G 83 19.70 -17.36 -25.02
CA ILE G 83 18.31 -17.09 -24.59
C ILE G 83 17.79 -15.73 -25.05
N GLY G 84 18.67 -14.90 -25.60
CA GLY G 84 18.27 -13.58 -26.14
C GLY G 84 19.46 -12.71 -26.55
N TYR G 85 19.18 -11.51 -27.01
CA TYR G 85 20.17 -10.55 -27.40
C TYR G 85 20.07 -9.28 -26.58
N ALA G 86 21.22 -8.69 -26.30
CA ALA G 86 21.25 -7.43 -25.56
C ALA G 86 20.64 -6.34 -26.43
N LEU G 87 19.78 -5.53 -25.82
CA LEU G 87 19.17 -4.39 -26.46
C LEU G 87 20.09 -3.16 -26.41
N ALA G 88 21.02 -3.17 -25.47
CA ALA G 88 22.00 -2.10 -25.29
C ALA G 88 23.27 -2.76 -24.76
N ASP G 89 24.38 -2.04 -24.74
CA ASP G 89 25.59 -2.59 -24.11
C ASP G 89 25.25 -2.86 -22.68
N ILE G 90 25.71 -4.02 -22.20
CA ILE G 90 25.52 -4.48 -20.83
C ILE G 90 26.90 -4.67 -20.22
N ALA G 91 27.21 -3.86 -19.22
CA ALA G 91 28.51 -3.90 -18.59
C ALA G 91 28.61 -5.12 -17.66
N ALA G 92 29.77 -5.74 -17.59
CA ALA G 92 30.05 -6.78 -16.60
C ALA G 92 29.54 -6.32 -15.22
N GLY G 93 28.75 -7.16 -14.55
CA GLY G 93 28.20 -6.83 -13.24
C GLY G 93 26.84 -6.12 -13.26
N GLU G 94 26.31 -5.87 -14.45
CA GLU G 94 25.03 -5.22 -14.58
C GLU G 94 23.91 -6.27 -14.56
N HIS G 95 22.77 -5.87 -14.04
CA HIS G 95 21.53 -6.63 -14.05
C HIS G 95 21.09 -6.88 -15.49
N VAL G 96 20.74 -8.13 -15.78
CA VAL G 96 20.29 -8.52 -17.12
C VAL G 96 18.87 -9.03 -17.06
N HIS G 97 17.96 -8.30 -17.70
CA HIS G 97 16.58 -8.65 -17.68
C HIS G 97 15.84 -8.10 -18.88
N ALA G 98 14.51 -7.94 -18.76
CA ALA G 98 13.67 -7.52 -19.85
C ALA G 98 13.97 -6.09 -20.27
N HIS G 99 14.50 -5.30 -19.34
CA HIS G 99 14.85 -3.93 -19.65
C HIS G 99 16.00 -3.76 -20.63
N ASN G 100 16.84 -4.79 -20.77
CA ASN G 100 18.01 -4.68 -21.62
C ASN G 100 18.26 -5.92 -22.45
N THR G 101 17.26 -6.80 -22.55
CA THR G 101 17.39 -7.98 -23.41
C THR G 101 16.09 -8.32 -24.13
N ARG G 102 16.23 -8.89 -25.31
CA ARG G 102 15.11 -9.32 -26.11
C ARG G 102 15.18 -10.82 -26.01
N THR G 103 14.16 -11.46 -25.43
CA THR G 103 14.17 -12.93 -25.33
C THR G 103 13.89 -13.44 -26.71
N ASN G 104 14.55 -14.52 -27.10
CA ASN G 104 14.22 -15.17 -28.37
C ASN G 104 13.62 -16.58 -28.18
N LEU G 105 13.36 -16.97 -26.93
CA LEU G 105 12.94 -18.34 -26.63
C LEU G 105 11.48 -18.59 -27.06
N GLY H 21 19.19 37.65 37.63
CA GLY H 21 17.85 37.42 36.99
C GLY H 21 17.74 38.19 35.68
N GLN H 23 14.76 39.80 33.07
CA GLN H 23 13.42 40.10 32.58
C GLN H 23 13.39 40.17 31.04
N TYR H 24 14.56 40.20 30.44
CA TYR H 24 14.72 40.31 29.00
C TYR H 24 16.11 39.76 28.68
N ILE H 25 16.33 39.49 27.42
CA ILE H 25 17.60 39.00 26.93
C ILE H 25 17.90 39.64 25.57
N LYS H 26 19.07 40.27 25.48
CA LYS H 26 19.72 40.54 24.24
C LYS H 26 20.57 39.31 23.87
N ILE H 27 20.11 38.60 22.86
CA ILE H 27 20.59 37.26 22.58
C ILE H 27 22.04 37.25 22.11
N HIS H 28 22.38 38.23 21.28
CA HIS H 28 23.69 38.33 20.65
C HIS H 28 24.21 39.76 20.72
N ALA H 29 25.53 39.91 20.87
CA ALA H 29 26.14 41.21 21.04
C ALA H 29 25.77 42.22 19.93
N LEU H 30 25.56 41.72 18.72
CA LEU H 30 25.26 42.58 17.56
C LEU H 30 23.78 43.01 17.42
N ASP H 31 22.90 42.42 18.22
CA ASP H 31 21.45 42.58 18.03
C ASP H 31 21.00 43.98 18.44
N ASN H 32 19.93 44.46 17.84
CA ASN H 32 19.38 45.75 18.24
C ASN H 32 17.98 45.63 18.81
N VAL H 33 17.60 44.40 19.14
CA VAL H 33 16.33 44.08 19.79
C VAL H 33 16.59 43.13 20.96
N ALA H 34 15.66 43.11 21.91
CA ALA H 34 15.74 42.16 23.03
C ALA H 34 14.39 41.49 23.16
N VAL H 35 14.38 40.27 23.67
CA VAL H 35 13.16 39.48 23.81
C VAL H 35 12.68 39.63 25.25
N ALA H 36 11.41 39.97 25.46
CA ALA H 36 10.88 40.02 26.84
C ALA H 36 10.79 38.60 27.41
N LEU H 37 11.26 38.38 28.63
CA LEU H 37 11.12 37.07 29.28
C LEU H 37 9.98 37.02 30.34
N ALA H 38 9.29 38.13 30.49
CA ALA H 38 8.12 38.23 31.33
C ALA H 38 7.34 39.32 30.63
N ASP H 39 6.11 39.54 31.07
CA ASP H 39 5.27 40.57 30.52
C ASP H 39 5.79 41.89 31.09
N LEU H 40 6.23 42.79 30.24
CA LEU H 40 6.81 44.05 30.66
C LEU H 40 5.85 45.19 30.36
N ALA H 41 5.64 46.06 31.33
CA ALA H 41 4.73 47.20 31.20
C ALA H 41 5.36 48.39 30.51
N GLU H 42 4.54 49.15 29.79
CA GLU H 42 4.98 50.42 29.26
C GLU H 42 5.61 51.22 30.39
N GLY H 43 6.69 51.92 30.10
CA GLY H 43 7.38 52.71 31.08
C GLY H 43 8.48 51.98 31.79
N THR H 44 8.52 50.66 31.67
CA THR H 44 9.61 49.89 32.26
C THR H 44 10.96 50.33 31.66
N GLU H 45 11.90 50.64 32.54
CA GLU H 45 13.26 50.96 32.15
C GLU H 45 14.10 49.70 32.14
N VAL H 46 14.64 49.38 30.98
CA VAL H 46 15.49 48.24 30.84
C VAL H 46 16.90 48.76 30.59
N SER H 47 17.87 48.08 31.19
CA SER H 47 19.26 48.38 30.97
C SER H 47 19.96 47.16 30.38
N VAL H 48 20.60 47.33 29.22
CA VAL H 48 21.41 46.27 28.62
C VAL H 48 22.62 46.98 28.09
N ASP H 49 23.80 46.37 28.25
CA ASP H 49 25.07 46.98 27.83
C ASP H 49 25.14 48.47 28.13
N ASN H 50 25.11 49.25 27.05
CA ASN H 50 24.96 50.68 27.12
C ASN H 50 23.54 50.97 27.59
N GLN H 51 23.43 51.03 28.91
CA GLN H 51 22.41 51.81 29.58
C GLN H 51 20.95 51.56 29.12
N THR H 52 20.13 52.61 29.24
CA THR H 52 18.71 52.48 29.42
C THR H 52 17.85 52.71 28.18
N VAL H 53 16.76 51.96 28.12
CA VAL H 53 15.70 52.12 27.15
C VAL H 53 14.44 52.11 27.99
N THR H 54 13.46 52.95 27.67
CA THR H 54 12.18 52.97 28.36
C THR H 54 11.16 52.42 27.40
N LEU H 55 10.45 51.37 27.79
CA LEU H 55 9.48 50.75 26.90
C LEU H 55 8.31 51.70 26.57
N ARG H 56 7.98 51.79 25.29
CA ARG H 56 6.94 52.69 24.84
C ARG H 56 5.56 52.06 24.81
N GLN H 57 5.49 50.76 25.03
CA GLN H 57 4.21 50.05 25.14
C GLN H 57 4.42 48.80 25.98
N ASP H 58 3.35 48.15 26.38
CA ASP H 58 3.47 46.84 27.01
C ASP H 58 4.10 45.89 26.03
N VAL H 59 5.01 45.05 26.49
CA VAL H 59 5.59 44.01 25.64
C VAL H 59 5.32 42.62 26.28
N ALA H 60 4.59 41.78 25.53
CA ALA H 60 4.24 40.42 25.96
C ALA H 60 5.49 39.57 26.02
N ARG H 61 5.52 38.63 26.96
CA ARG H 61 6.65 37.71 27.02
C ARG H 61 6.80 37.03 25.66
N GLY H 62 8.05 36.89 25.23
CA GLY H 62 8.37 36.26 23.96
C GLY H 62 8.43 37.21 22.79
N HIS H 63 7.87 38.42 22.94
CA HIS H 63 7.96 39.45 21.93
C HIS H 63 9.19 40.27 22.17
N LYS H 64 9.50 41.13 21.21
CA LYS H 64 10.75 41.85 21.26
C LYS H 64 10.57 43.35 21.06
N PHE H 65 11.59 44.08 21.49
CA PHE H 65 11.57 45.52 21.39
C PHE H 65 12.95 46.01 21.02
N ALA H 66 12.97 47.23 20.49
CA ALA H 66 14.18 47.87 19.96
C ALA H 66 15.01 48.37 21.14
N LEU H 67 16.31 48.12 21.12
CA LEU H 67 17.22 48.55 22.17
C LEU H 67 17.79 49.92 21.83
N THR H 68 17.64 50.31 20.56
CA THR H 68 18.14 51.57 20.10
C THR H 68 17.30 51.90 18.88
N ASP H 69 17.38 53.13 18.39
CA ASP H 69 16.59 53.50 17.23
C ASP H 69 16.98 52.58 16.07
N ILE H 70 15.99 52.22 15.26
CA ILE H 70 16.23 51.47 14.03
C ILE H 70 15.61 52.32 12.93
N ALA H 71 16.44 52.92 12.08
CA ALA H 71 15.90 53.78 11.05
C ALA H 71 15.15 52.97 9.99
N LYS H 72 14.19 53.62 9.36
CA LYS H 72 13.48 53.00 8.24
C LYS H 72 14.50 52.42 7.26
N GLY H 73 14.35 51.14 6.93
CA GLY H 73 15.24 50.47 5.99
C GLY H 73 16.51 49.81 6.55
N ALA H 74 16.79 50.04 7.83
CA ALA H 74 17.98 49.49 8.47
C ALA H 74 17.70 48.05 8.90
N ASN H 75 18.74 47.29 9.23
CA ASN H 75 18.56 45.90 9.66
C ASN H 75 17.97 45.80 11.03
N VAL H 76 17.01 44.88 11.18
CA VAL H 76 16.68 44.33 12.49
C VAL H 76 17.60 43.14 12.63
N ILE H 77 18.41 43.17 13.69
CA ILE H 77 19.44 42.15 13.92
C ILE H 77 19.09 41.40 15.20
N LYS H 78 19.00 40.08 15.06
CA LYS H 78 18.63 39.19 16.16
C LYS H 78 19.44 37.88 15.98
N TYR H 79 19.90 37.30 17.08
CA TYR H 79 20.74 36.10 17.03
C TYR H 79 22.08 36.36 16.34
N GLY H 80 22.46 37.63 16.22
CA GLY H 80 23.61 38.00 15.45
C GLY H 80 23.42 37.94 13.94
N LEU H 81 22.17 37.85 13.49
CA LEU H 81 21.83 37.71 12.08
C LEU H 81 20.92 38.86 11.72
N PRO H 82 21.01 39.37 10.49
CA PRO H 82 19.99 40.31 10.04
C PRO H 82 18.72 39.54 9.65
N ILE H 83 17.62 39.78 10.35
CA ILE H 83 16.42 38.97 10.15
C ILE H 83 15.36 39.73 9.37
N GLY H 84 15.60 41.01 9.14
CA GLY H 84 14.77 41.79 8.22
C GLY H 84 15.12 43.26 8.27
N TYR H 85 14.29 44.06 7.62
CA TYR H 85 14.44 45.52 7.60
C TYR H 85 13.25 46.21 8.19
N ALA H 86 13.50 47.28 8.90
CA ALA H 86 12.44 48.12 9.40
C ALA H 86 11.66 48.69 8.24
N LEU H 87 10.33 48.63 8.37
CA LEU H 87 9.44 49.17 7.38
C LEU H 87 9.12 50.66 7.64
N ALA H 88 9.31 51.06 8.89
CA ALA H 88 9.20 52.46 9.32
C ALA H 88 10.27 52.68 10.39
N ASP H 89 10.54 53.95 10.72
CA ASP H 89 11.43 54.26 11.84
C ASP H 89 10.91 53.53 13.09
N ILE H 90 11.81 52.94 13.85
CA ILE H 90 11.40 52.25 15.08
C ILE H 90 12.20 52.87 16.22
N ALA H 91 11.52 53.42 17.20
CA ALA H 91 12.14 54.16 18.27
C ALA H 91 12.70 53.16 19.29
N ALA H 92 13.81 53.54 19.92
CA ALA H 92 14.33 52.78 21.05
C ALA H 92 13.17 52.51 22.04
N GLY H 93 12.99 51.28 22.47
CA GLY H 93 11.89 50.96 23.40
C GLY H 93 10.57 50.57 22.74
N GLU H 94 10.48 50.67 21.42
CA GLU H 94 9.24 50.34 20.70
C GLU H 94 9.23 48.88 20.28
N HIS H 95 8.07 48.24 20.29
CA HIS H 95 8.04 46.84 19.88
C HIS H 95 8.34 46.62 18.39
N VAL H 96 9.01 45.49 18.14
CA VAL H 96 9.43 45.08 16.80
C VAL H 96 8.71 43.78 16.42
N HIS H 97 7.98 43.83 15.31
CA HIS H 97 7.02 42.78 14.95
C HIS H 97 6.81 42.75 13.43
N ALA H 98 5.87 41.89 13.01
CA ALA H 98 5.67 41.61 11.62
C ALA H 98 5.18 42.80 10.84
N HIS H 99 4.54 43.77 11.49
CA HIS H 99 4.01 44.91 10.77
C HIS H 99 4.91 46.13 10.69
N ASN H 100 6.03 46.15 11.39
CA ASN H 100 7.04 47.17 11.15
C ASN H 100 8.38 46.55 10.74
N THR H 101 8.39 45.27 10.38
CA THR H 101 9.59 44.57 9.89
C THR H 101 9.26 43.83 8.61
N ARG H 102 10.16 43.87 7.63
CA ARG H 102 10.07 42.95 6.49
C ARG H 102 11.13 41.88 6.64
N THR H 103 10.73 40.61 6.82
CA THR H 103 11.71 39.54 7.06
C THR H 103 12.41 39.11 5.80
N ASN H 104 13.63 38.58 5.99
CA ASN H 104 14.42 37.97 4.93
C ASN H 104 14.09 36.47 4.78
#